data_3ZP4
#
_entry.id   3ZP4
#
_cell.length_a   50.208
_cell.length_b   50.842
_cell.length_c   69.821
_cell.angle_alpha   97.36
_cell.angle_beta   93.18
_cell.angle_gamma   100.99
#
_symmetry.space_group_name_H-M   'P 1'
#
loop_
_entity.id
_entity.type
_entity.pdbx_description
1 polymer 'CHORISMATE MUTASE AROH'
2 non-polymer '8-HYDROXY-2-OXA-BICYCLO[3.3.1]NON-6-ENE-3,5-DICARBOXYLIC ACID'
3 water water
#
_entity_poly.entity_id   1
_entity_poly.type   'polypeptide(L)'
_entity_poly.pdbx_seq_one_letter_code
;MMIRGIRGATTVERDTEEEILQKTKQLLEKIIEENHTKPEDVVQMLLSATPDLHAVFPAKAVRELSGWQYVPVTCMQEMD
VTGGLKKCI(CIR)VMMTVQTDVPQEQIRHVYLEKAVVLRPDLSLTKNTEL
;
_entity_poly.pdbx_strand_id   A,B,C,D,E,F
#
loop_
_chem_comp.id
_chem_comp.type
_chem_comp.name
_chem_comp.formula
TSA non-polymer '8-HYDROXY-2-OXA-BICYCLO[3.3.1]NON-6-ENE-3,5-DICARBOXYLIC ACID' 'C10 H12 O6'
#
# COMPACT_ATOMS: atom_id res chain seq x y z
N MET A 1 13.06 -40.25 4.70
CA MET A 1 11.84 -39.45 4.71
C MET A 1 11.96 -38.29 5.70
N MET A 2 11.73 -37.07 5.21
CA MET A 2 11.98 -35.86 5.97
C MET A 2 10.82 -34.91 5.68
N ILE A 3 10.73 -33.81 6.42
CA ILE A 3 9.71 -32.80 6.15
C ILE A 3 10.37 -31.59 5.47
N ARG A 4 9.78 -31.09 4.38
CA ARG A 4 10.34 -29.97 3.65
C ARG A 4 9.27 -28.95 3.23
N GLY A 5 9.63 -27.67 3.24
CA GLY A 5 8.76 -26.65 2.68
C GLY A 5 8.88 -26.54 1.17
N ILE A 6 7.73 -26.32 0.52
CA ILE A 6 7.68 -26.03 -0.90
C ILE A 6 7.08 -24.64 -1.05
N ARG A 7 7.76 -23.78 -1.81
CA ARG A 7 7.36 -22.39 -2.02
C ARG A 7 6.64 -22.22 -3.35
N GLY A 8 5.64 -21.34 -3.37
CA GLY A 8 5.02 -20.92 -4.62
C GLY A 8 4.73 -19.44 -4.57
N ALA A 9 4.61 -18.79 -5.72
CA ALA A 9 4.22 -17.39 -5.73
C ALA A 9 3.56 -17.09 -7.06
N THR A 10 2.56 -16.22 -7.03
CA THR A 10 1.90 -15.81 -8.26
C THR A 10 1.35 -14.41 -8.06
N THR A 11 0.68 -13.88 -9.08
CA THR A 11 0.03 -12.58 -8.94
C THR A 11 -1.36 -12.54 -9.59
N VAL A 12 -2.16 -11.55 -9.20
CA VAL A 12 -3.43 -11.28 -9.87
C VAL A 12 -3.45 -9.83 -10.36
N GLU A 13 -4.31 -9.55 -11.32
CA GLU A 13 -4.41 -8.21 -11.87
C GLU A 13 -5.44 -7.36 -11.12
N ARG A 14 -6.46 -8.00 -10.57
CA ARG A 14 -7.52 -7.30 -9.87
C ARG A 14 -7.85 -7.96 -8.54
N ASP A 15 -8.14 -7.13 -7.54
CA ASP A 15 -8.54 -7.61 -6.23
C ASP A 15 -9.98 -8.08 -6.30
N THR A 16 -10.19 -9.23 -6.94
CA THR A 16 -11.51 -9.84 -7.00
C THR A 16 -11.43 -11.30 -6.55
N GLU A 17 -12.49 -11.78 -5.92
CA GLU A 17 -12.53 -13.15 -5.43
C GLU A 17 -12.31 -14.15 -6.55
N GLU A 18 -12.97 -13.91 -7.68
CA GLU A 18 -12.87 -14.82 -8.80
C GLU A 18 -11.41 -14.99 -9.28
N GLU A 19 -10.67 -13.90 -9.42
CA GLU A 19 -9.30 -14.00 -9.90
C GLU A 19 -8.32 -14.54 -8.85
N ILE A 20 -8.53 -14.16 -7.59
CA ILE A 20 -7.64 -14.64 -6.51
C ILE A 20 -7.74 -16.16 -6.37
N LEU A 21 -8.95 -16.68 -6.45
CA LEU A 21 -9.15 -18.13 -6.33
C LEU A 21 -8.64 -18.86 -7.57
N GLN A 22 -8.89 -18.29 -8.75
CA GLN A 22 -8.39 -18.89 -9.98
C GLN A 22 -6.87 -18.98 -10.02
N LYS A 23 -6.19 -17.89 -9.65
CA LYS A 23 -4.74 -17.87 -9.74
C LYS A 23 -4.09 -18.69 -8.62
N THR A 24 -4.71 -18.69 -7.44
CA THR A 24 -4.22 -19.50 -6.32
C THR A 24 -4.36 -20.99 -6.61
N LYS A 25 -5.53 -21.38 -7.13
CA LYS A 25 -5.75 -22.76 -7.51
C LYS A 25 -4.74 -23.23 -8.55
N GLN A 26 -4.51 -22.41 -9.58
CA GLN A 26 -3.55 -22.76 -10.61
C GLN A 26 -2.15 -22.94 -10.02
N LEU A 27 -1.78 -22.08 -9.07
CA LEU A 27 -0.49 -22.18 -8.41
C LEU A 27 -0.38 -23.49 -7.62
N LEU A 28 -1.42 -23.83 -6.87
CA LEU A 28 -1.40 -25.05 -6.09
C LEU A 28 -1.33 -26.26 -7.03
N GLU A 29 -2.13 -26.25 -8.09
CA GLU A 29 -2.11 -27.34 -9.06
C GLU A 29 -0.72 -27.56 -9.68
N LYS A 30 0.00 -26.48 -9.94
CA LYS A 30 1.33 -26.56 -10.53
C LYS A 30 2.34 -27.13 -9.53
N ILE A 31 2.22 -26.71 -8.28
CA ILE A 31 3.07 -27.26 -7.22
C ILE A 31 2.79 -28.75 -7.06
N ILE A 32 1.51 -29.11 -7.02
CA ILE A 32 1.10 -30.50 -6.87
C ILE A 32 1.62 -31.36 -8.01
N GLU A 33 1.52 -30.85 -9.23
CA GLU A 33 2.01 -31.57 -10.39
C GLU A 33 3.52 -31.77 -10.37
N GLU A 34 4.26 -30.71 -10.06
CA GLU A 34 5.71 -30.74 -10.17
C GLU A 34 6.33 -31.56 -9.03
N ASN A 35 5.63 -31.61 -7.91
CA ASN A 35 6.14 -32.35 -6.74
C ASN A 35 5.41 -33.65 -6.40
N HIS A 36 4.45 -34.04 -7.23
CA HIS A 36 3.72 -35.29 -7.06
C HIS A 36 3.08 -35.41 -5.69
N THR A 37 2.56 -34.29 -5.18
CA THR A 37 2.15 -34.21 -3.77
C THR A 37 0.78 -34.82 -3.52
N LYS A 38 0.67 -35.67 -2.51
CA LYS A 38 -0.64 -36.16 -2.05
C LYS A 38 -1.04 -35.38 -0.80
N PRO A 39 -2.34 -35.09 -0.66
CA PRO A 39 -2.80 -34.23 0.44
C PRO A 39 -2.52 -34.79 1.84
N GLU A 40 -2.52 -36.11 1.99
CA GLU A 40 -2.23 -36.72 3.29
C GLU A 40 -0.77 -36.55 3.72
N ASP A 41 0.09 -36.22 2.76
CA ASP A 41 1.48 -36.00 3.08
C ASP A 41 1.75 -34.52 3.39
N VAL A 42 0.71 -33.69 3.36
CA VAL A 42 0.86 -32.28 3.69
C VAL A 42 0.64 -32.02 5.18
N VAL A 43 1.71 -31.59 5.84
CA VAL A 43 1.70 -31.24 7.26
C VAL A 43 0.76 -30.06 7.49
N GLN A 44 0.97 -28.99 6.71
CA GLN A 44 0.17 -27.77 6.79
C GLN A 44 0.56 -26.85 5.65
N MET A 45 -0.20 -25.78 5.46
CA MET A 45 0.05 -24.83 4.39
C MET A 45 -0.13 -23.41 4.92
N LEU A 46 0.71 -22.49 4.46
CA LEU A 46 0.52 -21.09 4.78
C LEU A 46 0.39 -20.32 3.48
N LEU A 47 -0.61 -19.46 3.39
CA LEU A 47 -0.78 -18.61 2.22
C LEU A 47 -0.69 -17.17 2.66
N SER A 48 0.01 -16.33 1.88
CA SER A 48 0.08 -14.91 2.21
C SER A 48 -0.35 -14.07 1.02
N ALA A 49 -0.77 -12.85 1.30
CA ALA A 49 -1.11 -11.88 0.28
C ALA A 49 -0.54 -10.54 0.68
N THR A 50 -0.03 -9.81 -0.30
CA THR A 50 0.33 -8.41 -0.08
C THR A 50 -0.91 -7.65 0.42
N PRO A 51 -0.69 -6.51 1.09
CA PRO A 51 -1.79 -5.77 1.72
C PRO A 51 -2.71 -5.03 0.75
N ASP A 52 -2.55 -5.29 -0.54
CA ASP A 52 -3.40 -4.68 -1.56
C ASP A 52 -4.49 -5.65 -2.04
N LEU A 53 -4.55 -6.84 -1.44
CA LEU A 53 -5.58 -7.82 -1.77
C LEU A 53 -6.54 -8.06 -0.59
N HIS A 54 -7.85 -7.91 -0.84
CA HIS A 54 -8.85 -7.97 0.22
C HIS A 54 -10.12 -8.77 -0.12
N ALA A 55 -10.26 -9.24 -1.34
CA ALA A 55 -11.55 -9.80 -1.78
C ALA A 55 -11.93 -11.13 -1.11
N VAL A 56 -10.94 -11.97 -0.87
CA VAL A 56 -11.20 -13.31 -0.37
C VAL A 56 -9.93 -13.85 0.25
N PHE A 57 -10.06 -14.80 1.17
CA PHE A 57 -8.92 -15.54 1.67
C PHE A 57 -8.48 -16.55 0.61
N PRO A 58 -7.20 -16.49 0.20
CA PRO A 58 -6.73 -17.41 -0.84
C PRO A 58 -6.87 -18.89 -0.43
N ALA A 59 -6.92 -19.15 0.88
CA ALA A 59 -7.10 -20.51 1.38
C ALA A 59 -8.40 -21.16 0.90
N LYS A 60 -9.34 -20.33 0.45
CA LYS A 60 -10.60 -20.82 -0.08
C LYS A 60 -10.37 -21.67 -1.32
N ALA A 61 -9.28 -21.41 -2.04
CA ALA A 61 -8.90 -22.20 -3.22
C ALA A 61 -8.59 -23.65 -2.87
N VAL A 62 -8.00 -23.86 -1.70
CA VAL A 62 -7.61 -25.20 -1.28
C VAL A 62 -8.81 -26.14 -1.20
N ARG A 63 -9.96 -25.58 -0.83
CA ARG A 63 -11.18 -26.37 -0.66
C ARG A 63 -11.77 -26.82 -1.99
N GLU A 64 -11.38 -26.20 -3.09
CA GLU A 64 -11.86 -26.63 -4.40
C GLU A 64 -10.90 -27.61 -5.06
N LEU A 65 -9.94 -28.11 -4.29
CA LEU A 65 -9.11 -29.23 -4.70
C LEU A 65 -9.71 -30.50 -4.11
N SER A 66 -10.08 -31.43 -4.98
CA SER A 66 -10.64 -32.70 -4.54
C SER A 66 -9.64 -33.47 -3.67
N GLY A 67 -10.08 -33.82 -2.47
CA GLY A 67 -9.27 -34.63 -1.57
C GLY A 67 -8.45 -33.83 -0.57
N TRP A 68 -8.53 -32.50 -0.65
CA TRP A 68 -7.69 -31.62 0.18
C TRP A 68 -8.44 -30.97 1.33
N GLN A 69 -9.61 -31.50 1.65
CA GLN A 69 -10.49 -30.89 2.65
C GLN A 69 -9.98 -30.99 4.08
N TYR A 70 -9.01 -31.86 4.33
CA TYR A 70 -8.49 -32.08 5.67
C TYR A 70 -7.08 -31.50 5.85
N VAL A 71 -6.61 -30.80 4.83
CA VAL A 71 -5.29 -30.16 4.89
C VAL A 71 -5.40 -28.84 5.66
N PRO A 72 -4.68 -28.73 6.79
CA PRO A 72 -4.81 -27.50 7.57
C PRO A 72 -4.11 -26.33 6.88
N VAL A 73 -4.81 -25.20 6.82
CA VAL A 73 -4.27 -24.06 6.09
C VAL A 73 -4.65 -22.78 6.81
N THR A 74 -3.76 -21.80 6.80
CA THR A 74 -4.14 -20.49 7.29
C THR A 74 -3.45 -19.39 6.50
N CYS A 75 -3.94 -18.16 6.66
CA CYS A 75 -3.43 -17.07 5.84
C CYS A 75 -2.74 -15.99 6.70
N MET A 76 -1.93 -15.16 6.06
CA MET A 76 -1.26 -14.08 6.76
C MET A 76 -0.97 -12.95 5.78
N GLN A 77 -0.69 -11.77 6.31
CA GLN A 77 -0.31 -10.67 5.44
C GLN A 77 1.18 -10.70 5.18
N GLU A 78 1.54 -10.60 3.92
CA GLU A 78 2.93 -10.47 3.54
C GLU A 78 3.44 -9.13 4.00
N MET A 79 4.73 -9.08 4.32
CA MET A 79 5.38 -7.84 4.69
C MET A 79 5.30 -6.81 3.56
N ASP A 80 4.93 -5.57 3.90
CA ASP A 80 4.84 -4.49 2.93
C ASP A 80 6.23 -3.90 2.68
N VAL A 81 6.81 -4.25 1.54
CA VAL A 81 8.16 -3.84 1.23
C VAL A 81 8.12 -2.87 0.06
N THR A 82 8.75 -1.72 0.27
CA THR A 82 8.83 -0.66 -0.72
C THR A 82 9.39 -1.14 -2.06
N GLY A 83 8.62 -0.93 -3.12
CA GLY A 83 9.03 -1.36 -4.44
C GLY A 83 8.89 -2.85 -4.67
N GLY A 84 8.28 -3.54 -3.71
CA GLY A 84 8.03 -4.96 -3.86
C GLY A 84 6.97 -5.25 -4.89
N LEU A 85 6.90 -6.51 -5.32
CA LEU A 85 5.89 -6.94 -6.27
C LEU A 85 4.50 -6.78 -5.66
N LYS A 86 3.58 -6.15 -6.39
CA LYS A 86 2.26 -5.90 -5.83
C LYS A 86 1.28 -7.02 -6.23
N LYS A 87 0.14 -7.06 -5.54
CA LYS A 87 -0.89 -8.09 -5.74
C LYS A 87 -0.32 -9.50 -5.83
N CYS A 88 0.52 -9.84 -4.85
CA CYS A 88 1.25 -11.12 -4.87
C CYS A 88 0.70 -12.06 -3.82
N ILE A 89 0.54 -13.32 -4.21
CA ILE A 89 0.10 -14.39 -3.33
C ILE A 89 1.20 -15.43 -3.23
C CIR A 90 2.12 -17.97 -1.05
O CIR A 90 1.18 -17.83 -0.22
CA CIR A 90 2.59 -16.83 -1.86
N CIR A 90 1.56 -15.82 -2.01
C3 CIR A 90 3.78 -16.22 -1.19
C4 CIR A 90 4.53 -15.19 -1.96
C5 CIR A 90 5.43 -14.28 -1.19
N6 CIR A 90 6.30 -13.40 -1.93
C7 CIR A 90 6.01 -12.00 -1.98
O7 CIR A 90 5.03 -11.54 -1.40
N8 CIR A 90 6.89 -11.12 -2.70
N VAL A 91 2.71 -19.14 -1.31
CA VAL A 91 2.40 -20.31 -0.50
CA VAL A 91 2.41 -20.38 -0.60
C VAL A 91 3.68 -20.93 0.08
N MET A 92 3.54 -21.46 1.29
CA MET A 92 4.56 -22.31 1.90
C MET A 92 3.82 -23.59 2.24
N MET A 93 4.09 -24.64 1.46
CA MET A 93 3.42 -25.93 1.66
C MET A 93 4.41 -26.89 2.30
N THR A 94 4.11 -27.36 3.51
CA THR A 94 5.03 -28.23 4.26
C THR A 94 4.64 -29.70 4.04
N VAL A 95 5.54 -30.51 3.50
CA VAL A 95 5.18 -31.89 3.16
C VAL A 95 6.17 -32.89 3.72
N GLN A 96 5.73 -34.13 3.87
CA GLN A 96 6.63 -35.24 4.12
C GLN A 96 7.12 -35.79 2.77
N THR A 97 8.43 -35.93 2.61
CA THR A 97 8.98 -36.32 1.30
C THR A 97 10.42 -36.88 1.36
N ASP A 98 10.74 -37.77 0.42
CA ASP A 98 12.10 -38.29 0.26
C ASP A 98 12.98 -37.38 -0.62
N VAL A 99 12.36 -36.42 -1.28
CA VAL A 99 13.10 -35.58 -2.21
C VAL A 99 14.08 -34.70 -1.43
N PRO A 100 15.36 -34.67 -1.88
CA PRO A 100 16.40 -33.83 -1.27
C PRO A 100 16.07 -32.34 -1.38
N GLN A 101 16.52 -31.54 -0.41
CA GLN A 101 16.24 -30.10 -0.42
C GLN A 101 16.54 -29.41 -1.75
N GLU A 102 17.66 -29.75 -2.38
CA GLU A 102 18.01 -29.07 -3.64
C GLU A 102 17.17 -29.52 -4.83
N GLN A 103 16.33 -30.54 -4.64
CA GLN A 103 15.54 -31.07 -5.76
C GLN A 103 14.05 -30.75 -5.67
N ILE A 104 13.64 -30.13 -4.56
CA ILE A 104 12.25 -29.68 -4.40
C ILE A 104 11.94 -28.66 -5.51
N ARG A 105 10.74 -28.75 -6.09
CA ARG A 105 10.39 -27.88 -7.21
C ARG A 105 9.51 -26.72 -6.75
N HIS A 106 10.12 -25.57 -6.48
CA HIS A 106 9.37 -24.39 -6.07
C HIS A 106 8.81 -23.71 -7.33
N VAL A 107 7.68 -23.04 -7.21
CA VAL A 107 6.92 -22.62 -8.40
C VAL A 107 6.61 -21.13 -8.39
N TYR A 108 6.91 -20.45 -9.49
CA TYR A 108 6.68 -19.02 -9.61
C TYR A 108 5.94 -18.75 -10.91
N LEU A 109 4.76 -18.16 -10.81
CA LEU A 109 3.89 -17.97 -11.97
C LEU A 109 3.53 -16.49 -12.17
N GLU A 110 2.90 -16.20 -13.31
CA GLU A 110 2.51 -14.82 -13.65
C GLU A 110 3.68 -13.85 -13.45
N LYS A 111 3.44 -12.73 -12.78
CA LYS A 111 4.48 -11.71 -12.63
C LYS A 111 5.53 -12.06 -11.58
N ALA A 112 5.27 -13.14 -10.84
CA ALA A 112 6.16 -13.57 -9.77
C ALA A 112 7.34 -14.39 -10.28
N VAL A 113 7.49 -14.48 -11.60
CA VAL A 113 8.62 -15.18 -12.17
CA VAL A 113 8.61 -15.15 -12.23
C VAL A 113 9.92 -14.44 -11.89
N VAL A 114 9.84 -13.14 -11.67
CA VAL A 114 11.05 -12.36 -11.38
C VAL A 114 11.61 -12.63 -10.00
N LEU A 115 10.88 -13.42 -9.20
CA LEU A 115 11.36 -13.82 -7.88
C LEU A 115 12.10 -15.15 -7.97
N ARG A 116 11.87 -15.87 -9.07
CA ARG A 116 12.46 -17.19 -9.32
C ARG A 116 14.00 -17.18 -9.21
N PRO A 117 14.57 -18.21 -8.56
CA PRO A 117 16.02 -18.39 -8.43
C PRO A 117 16.74 -18.35 -9.78
N MET B 1 7.94 -40.48 13.04
CA MET B 1 6.52 -40.14 13.11
C MET B 1 6.20 -38.92 12.25
N MET B 2 5.00 -38.89 11.69
CA MET B 2 4.50 -37.76 10.91
C MET B 2 4.25 -36.53 11.81
N ILE B 3 4.28 -35.35 11.18
CA ILE B 3 3.98 -34.09 11.83
C ILE B 3 2.68 -33.57 11.23
N ARG B 4 1.83 -32.93 12.03
CA ARG B 4 0.52 -32.49 11.55
C ARG B 4 0.15 -31.13 12.12
N GLY B 5 -0.47 -30.30 11.29
CA GLY B 5 -0.95 -29.02 11.75
C GLY B 5 -2.31 -29.17 12.42
N ILE B 6 -2.51 -28.44 13.51
CA ILE B 6 -3.81 -28.38 14.14
C ILE B 6 -4.26 -26.93 14.20
N ARG B 7 -5.42 -26.66 13.62
CA ARG B 7 -5.94 -25.30 13.52
C ARG B 7 -6.85 -24.97 14.68
N GLY B 8 -6.84 -23.71 15.09
CA GLY B 8 -7.83 -23.19 16.00
C GLY B 8 -8.19 -21.77 15.60
N ALA B 9 -9.43 -21.36 15.91
CA ALA B 9 -9.87 -19.99 15.70
C ALA B 9 -10.83 -19.59 16.82
N THR B 10 -10.75 -18.34 17.25
CA THR B 10 -11.67 -17.80 18.26
C THR B 10 -11.77 -16.30 18.05
N THR B 11 -12.62 -15.64 18.84
CA THR B 11 -12.80 -14.20 18.71
C THR B 11 -12.90 -13.55 20.08
N VAL B 12 -12.63 -12.24 20.11
CA VAL B 12 -12.84 -11.44 21.31
C VAL B 12 -13.91 -10.38 21.00
N GLU B 13 -14.58 -9.87 22.02
CA GLU B 13 -15.59 -8.85 21.79
C GLU B 13 -14.99 -7.43 21.72
N ARG B 14 -13.81 -7.27 22.31
CA ARG B 14 -13.12 -5.98 22.27
C ARG B 14 -11.61 -6.14 22.41
N ASP B 15 -10.87 -5.15 21.92
CA ASP B 15 -9.41 -5.19 21.88
C ASP B 15 -8.81 -4.84 23.25
N THR B 16 -8.91 -5.78 24.19
CA THR B 16 -8.29 -5.61 25.50
C THR B 16 -7.35 -6.78 25.78
N GLU B 17 -6.41 -6.60 26.69
CA GLU B 17 -5.47 -7.65 27.04
C GLU B 17 -6.19 -8.82 27.73
N GLU B 18 -7.10 -8.52 28.64
CA GLU B 18 -7.86 -9.55 29.36
C GLU B 18 -8.58 -10.49 28.41
N GLU B 19 -9.34 -9.92 27.48
CA GLU B 19 -10.07 -10.70 26.47
C GLU B 19 -9.13 -11.58 25.64
N ILE B 20 -8.13 -10.94 25.03
CA ILE B 20 -7.21 -11.67 24.15
C ILE B 20 -6.50 -12.83 24.87
N LEU B 21 -5.97 -12.59 26.06
CA LEU B 21 -5.29 -13.66 26.79
C LEU B 21 -6.26 -14.75 27.18
N GLN B 22 -7.40 -14.37 27.73
CA GLN B 22 -8.37 -15.35 28.21
C GLN B 22 -8.83 -16.26 27.07
N LYS B 23 -9.23 -15.65 25.96
CA LYS B 23 -9.76 -16.40 24.83
C LYS B 23 -8.72 -17.23 24.11
N THR B 24 -7.50 -16.70 24.00
CA THR B 24 -6.42 -17.48 23.41
C THR B 24 -6.13 -18.68 24.29
N LYS B 25 -5.97 -18.45 25.59
CA LYS B 25 -5.72 -19.54 26.54
C LYS B 25 -6.80 -20.63 26.46
N GLN B 26 -8.06 -20.22 26.39
CA GLN B 26 -9.15 -21.18 26.30
C GLN B 26 -9.08 -21.96 24.98
N LEU B 27 -8.71 -21.27 23.91
CA LEU B 27 -8.58 -21.91 22.60
C LEU B 27 -7.50 -22.97 22.62
N LEU B 28 -6.34 -22.63 23.20
CA LEU B 28 -5.23 -23.57 23.29
C LEU B 28 -5.60 -24.76 24.19
N GLU B 29 -6.27 -24.47 25.29
CA GLU B 29 -6.67 -25.55 26.20
C GLU B 29 -7.65 -26.54 25.57
N LYS B 30 -8.55 -26.03 24.72
CA LYS B 30 -9.51 -26.89 24.03
C LYS B 30 -8.82 -27.80 23.02
N ILE B 31 -7.82 -27.27 22.33
CA ILE B 31 -7.07 -28.06 21.35
C ILE B 31 -6.25 -29.16 22.02
N ILE B 32 -5.64 -28.80 23.15
CA ILE B 32 -4.84 -29.74 23.92
C ILE B 32 -5.72 -30.88 24.43
N GLU B 33 -6.93 -30.53 24.86
CA GLU B 33 -7.90 -31.50 25.35
C GLU B 33 -8.30 -32.49 24.26
N GLU B 34 -8.72 -31.95 23.11
CA GLU B 34 -9.27 -32.77 22.03
C GLU B 34 -8.23 -33.65 21.34
N ASN B 35 -6.98 -33.22 21.37
CA ASN B 35 -5.92 -33.96 20.67
C ASN B 35 -4.91 -34.58 21.62
N HIS B 36 -5.16 -34.44 22.92
CA HIS B 36 -4.30 -35.02 23.97
C HIS B 36 -2.83 -34.58 23.81
N THR B 37 -2.63 -33.33 23.42
CA THR B 37 -1.31 -32.85 23.04
C THR B 37 -0.41 -32.63 24.25
N LYS B 38 0.83 -33.10 24.14
CA LYS B 38 1.84 -32.84 25.14
C LYS B 38 2.86 -31.83 24.57
N PRO B 39 3.33 -30.90 25.41
CA PRO B 39 4.16 -29.81 24.86
C PRO B 39 5.46 -30.28 24.23
N GLU B 40 6.05 -31.34 24.76
CA GLU B 40 7.26 -31.89 24.15
C GLU B 40 7.02 -32.31 22.69
N ASP B 41 5.77 -32.56 22.34
CA ASP B 41 5.44 -33.03 21.00
C ASP B 41 5.04 -31.90 20.06
N VAL B 42 5.11 -30.67 20.56
CA VAL B 42 4.80 -29.51 19.71
C VAL B 42 6.06 -28.98 19.06
N VAL B 43 6.09 -29.07 17.74
CA VAL B 43 7.17 -28.50 16.95
C VAL B 43 7.22 -26.99 17.16
N GLN B 44 6.08 -26.33 16.99
CA GLN B 44 6.00 -24.87 17.03
C GLN B 44 4.55 -24.43 16.90
N MET B 45 4.29 -23.16 17.21
CA MET B 45 2.95 -22.58 17.09
C MET B 45 3.02 -21.24 16.35
N LEU B 46 2.04 -20.99 15.48
CA LEU B 46 1.84 -19.67 14.87
C LEU B 46 0.49 -19.12 15.27
N LEU B 47 0.46 -17.90 15.79
CA LEU B 47 -0.80 -17.24 16.15
C LEU B 47 -0.97 -16.03 15.25
N SER B 48 -2.17 -15.82 14.72
CA SER B 48 -2.44 -14.61 13.93
C SER B 48 -3.57 -13.83 14.56
N ALA B 49 -3.61 -12.54 14.27
CA ALA B 49 -4.74 -11.70 14.66
C ALA B 49 -5.12 -10.78 13.50
N THR B 50 -6.42 -10.58 13.33
CA THR B 50 -6.91 -9.60 12.39
C THR B 50 -6.38 -8.22 12.76
N PRO B 51 -6.28 -7.31 11.78
CA PRO B 51 -5.62 -6.03 12.03
C PRO B 51 -6.43 -5.03 12.86
N ASP B 52 -7.51 -5.49 13.48
CA ASP B 52 -8.27 -4.67 14.42
C ASP B 52 -7.93 -4.97 15.88
N LEU B 53 -6.94 -5.85 16.09
CA LEU B 53 -6.49 -6.21 17.43
C LEU B 53 -5.05 -5.78 17.68
N HIS B 54 -4.82 -4.99 18.73
CA HIS B 54 -3.49 -4.44 18.99
C HIS B 54 -3.07 -4.47 20.45
N ALA B 55 -3.97 -4.89 21.35
CA ALA B 55 -3.75 -4.69 22.78
C ALA B 55 -2.58 -5.50 23.36
N VAL B 56 -2.36 -6.70 22.84
CA VAL B 56 -1.36 -7.60 23.40
C VAL B 56 -1.10 -8.69 22.35
N PHE B 57 0.10 -9.29 22.37
CA PHE B 57 0.36 -10.48 21.57
C PHE B 57 -0.38 -11.67 22.17
N PRO B 58 -1.18 -12.37 21.35
CA PRO B 58 -1.86 -13.59 21.82
C PRO B 58 -0.90 -14.65 22.38
N ALA B 59 0.34 -14.66 21.90
CA ALA B 59 1.30 -15.68 22.33
C ALA B 59 1.61 -15.60 23.82
N LYS B 60 1.26 -14.47 24.44
CA LYS B 60 1.48 -14.28 25.86
C LYS B 60 0.66 -15.26 26.67
N ALA B 61 -0.47 -15.70 26.10
CA ALA B 61 -1.32 -16.70 26.75
C ALA B 61 -0.65 -18.07 26.85
N VAL B 62 0.30 -18.37 25.97
CA VAL B 62 0.96 -19.68 25.95
C VAL B 62 1.73 -19.95 27.24
N ARG B 63 2.29 -18.89 27.81
CA ARG B 63 3.04 -19.02 29.06
C ARG B 63 2.10 -19.16 30.27
N GLU B 64 0.80 -19.04 30.03
CA GLU B 64 -0.19 -19.32 31.06
C GLU B 64 -0.46 -20.82 31.16
N LEU B 65 0.21 -21.59 30.31
CA LEU B 65 0.07 -23.04 30.28
C LEU B 65 1.31 -23.68 30.90
N SER B 66 1.15 -24.29 32.07
CA SER B 66 2.24 -24.97 32.73
C SER B 66 2.86 -26.03 31.81
N GLY B 67 4.18 -26.01 31.69
CA GLY B 67 4.88 -27.00 30.89
C GLY B 67 5.19 -26.55 29.48
N TRP B 68 4.60 -25.44 29.06
CA TRP B 68 4.70 -25.01 27.67
C TRP B 68 5.69 -23.88 27.45
N GLN B 69 6.49 -23.59 28.47
CA GLN B 69 7.38 -22.45 28.46
C GLN B 69 8.49 -22.57 27.41
N TYR B 70 8.70 -23.76 26.89
CA TYR B 70 9.73 -23.99 25.88
C TYR B 70 9.16 -24.25 24.49
N VAL B 71 7.84 -24.15 24.36
CA VAL B 71 7.23 -24.29 23.04
C VAL B 71 7.44 -23.01 22.24
N PRO B 72 8.09 -23.11 21.07
CA PRO B 72 8.39 -21.88 20.33
C PRO B 72 7.14 -21.37 19.60
N VAL B 73 6.90 -20.08 19.70
CA VAL B 73 5.68 -19.50 19.16
C VAL B 73 5.96 -18.12 18.54
N THR B 74 5.29 -17.80 17.44
CA THR B 74 5.35 -16.43 16.95
C THR B 74 4.02 -15.94 16.39
N CYS B 75 3.86 -14.62 16.28
CA CYS B 75 2.58 -14.08 15.88
C CYS B 75 2.74 -13.37 14.53
N MET B 76 1.62 -13.16 13.86
CA MET B 76 1.63 -12.47 12.58
C MET B 76 0.30 -11.79 12.39
N GLN B 77 0.25 -10.84 11.47
CA GLN B 77 -1.01 -10.19 11.14
C GLN B 77 -1.78 -11.01 10.11
N GLU B 78 -3.06 -11.22 10.38
CA GLU B 78 -3.95 -11.88 9.44
C GLU B 78 -4.28 -10.87 8.35
N MET B 79 -4.52 -11.32 7.12
CA MET B 79 -4.87 -10.37 6.06
C MET B 79 -6.25 -9.76 6.31
N ASP B 80 -6.47 -8.55 5.82
CA ASP B 80 -7.75 -7.87 6.02
C ASP B 80 -8.70 -8.14 4.84
N VAL B 81 -9.64 -9.04 5.06
CA VAL B 81 -10.56 -9.45 4.00
C VAL B 81 -11.90 -8.76 4.19
N THR B 82 -12.33 -8.09 3.13
CA THR B 82 -13.64 -7.42 3.13
C THR B 82 -14.70 -8.46 3.41
N GLY B 83 -15.43 -8.26 4.51
CA GLY B 83 -16.49 -9.18 4.90
C GLY B 83 -15.99 -10.32 5.75
N GLY B 84 -14.72 -10.28 6.15
CA GLY B 84 -14.14 -11.33 6.95
C GLY B 84 -14.43 -11.19 8.42
N LEU B 85 -14.30 -12.28 9.17
CA LEU B 85 -14.57 -12.25 10.61
C LEU B 85 -13.65 -11.25 11.32
N LYS B 86 -14.25 -10.33 12.08
CA LYS B 86 -13.50 -9.31 12.79
C LYS B 86 -12.98 -9.84 14.13
N LYS B 87 -11.97 -9.17 14.67
CA LYS B 87 -11.46 -9.47 16.01
C LYS B 87 -11.13 -10.95 16.20
N CYS B 88 -10.49 -11.54 15.19
CA CYS B 88 -10.27 -12.97 15.15
C CYS B 88 -8.84 -13.37 15.47
N ILE B 89 -8.67 -14.41 16.26
CA ILE B 89 -7.36 -14.96 16.59
C ILE B 89 -7.30 -16.39 16.09
C CIR B 90 -4.89 -18.70 15.31
O CIR B 90 -3.92 -18.00 15.68
CA CIR B 90 -6.14 -18.07 14.83
N CIR B 90 -6.25 -16.74 15.35
C3 CIR B 90 -6.19 -18.04 13.34
C4 CIR B 90 -7.52 -17.75 12.71
C5 CIR B 90 -7.55 -17.30 11.29
N6 CIR B 90 -8.84 -17.17 10.66
C7 CIR B 90 -9.39 -15.88 10.39
O7 CIR B 90 -8.77 -14.85 10.68
N8 CIR B 90 -10.68 -15.79 9.76
N VAL B 91 -4.90 -20.03 15.35
CA VAL B 91 -3.74 -20.80 15.76
C VAL B 91 -3.45 -21.87 14.72
N MET B 92 -2.18 -22.07 14.42
CA MET B 92 -1.72 -23.27 13.75
C MET B 92 -0.69 -23.93 14.63
N MET B 93 -1.07 -25.06 15.26
CA MET B 93 -0.19 -25.77 16.18
C MET B 93 0.34 -26.99 15.45
N THR B 94 1.66 -27.08 15.31
CA THR B 94 2.31 -28.12 14.52
C THR B 94 2.80 -29.19 15.50
N VAL B 95 2.31 -30.42 15.34
CA VAL B 95 2.55 -31.47 16.35
C VAL B 95 3.03 -32.79 15.74
N GLN B 96 3.88 -33.48 16.48
CA GLN B 96 4.25 -34.85 16.15
C GLN B 96 3.09 -35.76 16.51
N THR B 97 2.57 -36.49 15.52
CA THR B 97 1.46 -37.41 15.78
C THR B 97 1.26 -38.50 14.74
N ASP B 98 0.70 -39.62 15.20
CA ASP B 98 0.33 -40.74 14.36
C ASP B 98 -1.12 -40.66 13.89
N VAL B 99 -1.87 -39.72 14.47
CA VAL B 99 -3.28 -39.61 14.17
C VAL B 99 -3.46 -39.20 12.72
N PRO B 100 -4.25 -39.98 11.96
CA PRO B 100 -4.54 -39.73 10.55
C PRO B 100 -5.04 -38.31 10.33
N GLN B 101 -4.78 -37.78 9.14
CA GLN B 101 -5.13 -36.40 8.81
C GLN B 101 -6.60 -36.06 9.07
N GLU B 102 -7.50 -36.96 8.70
CA GLU B 102 -8.93 -36.69 8.80
C GLU B 102 -9.48 -36.83 10.22
N GLN B 103 -8.66 -37.31 11.15
CA GLN B 103 -9.11 -37.49 12.54
C GLN B 103 -8.59 -36.41 13.48
N ILE B 104 -7.78 -35.50 12.96
CA ILE B 104 -7.25 -34.38 13.73
C ILE B 104 -8.40 -33.46 14.15
N ARG B 105 -8.40 -33.05 15.41
CA ARG B 105 -9.50 -32.26 15.93
C ARG B 105 -9.19 -30.76 15.90
N HIS B 106 -9.64 -30.09 14.85
CA HIS B 106 -9.50 -28.64 14.73
C HIS B 106 -10.61 -27.93 15.50
N VAL B 107 -10.24 -26.90 16.24
CA VAL B 107 -11.14 -26.28 17.21
C VAL B 107 -11.58 -24.88 16.82
N TYR B 108 -12.88 -24.64 16.81
CA TYR B 108 -13.42 -23.31 16.51
C TYR B 108 -14.35 -22.87 17.65
N LEU B 109 -14.01 -21.77 18.32
CA LEU B 109 -14.80 -21.29 19.45
C LEU B 109 -15.37 -19.90 19.18
N GLU B 110 -16.26 -19.45 20.07
CA GLU B 110 -16.86 -18.12 19.97
C GLU B 110 -17.46 -17.82 18.60
N LYS B 111 -17.22 -16.63 18.06
CA LYS B 111 -17.81 -16.26 16.78
C LYS B 111 -17.11 -16.92 15.58
N ALA B 112 -16.10 -17.74 15.85
CA ALA B 112 -15.37 -18.42 14.80
C ALA B 112 -15.97 -19.78 14.41
N VAL B 113 -17.10 -20.12 15.03
CA VAL B 113 -17.79 -21.36 14.71
C VAL B 113 -18.38 -21.32 13.30
N VAL B 114 -18.36 -20.15 12.68
CA VAL B 114 -18.90 -19.94 11.35
C VAL B 114 -17.91 -20.27 10.24
N LEU B 115 -16.64 -20.43 10.62
CA LEU B 115 -15.58 -20.73 9.66
C LEU B 115 -15.44 -22.24 9.46
N ARG B 116 -15.87 -23.00 10.46
CA ARG B 116 -15.78 -24.46 10.44
C ARG B 116 -16.57 -25.06 9.27
N PRO B 117 -15.91 -25.92 8.48
CA PRO B 117 -16.55 -26.60 7.35
C PRO B 117 -17.68 -27.52 7.80
N MET C 1 14.51 -37.71 13.67
CA MET C 1 13.66 -37.11 12.65
C MET C 1 12.50 -36.35 13.27
N MET C 2 12.62 -36.01 14.54
CA MET C 2 11.70 -35.06 15.15
C MET C 2 12.03 -33.68 14.60
N ILE C 3 11.03 -32.81 14.59
CA ILE C 3 11.14 -31.49 13.99
C ILE C 3 10.91 -30.44 15.08
N ARG C 4 11.75 -29.40 15.12
CA ARG C 4 11.61 -28.37 16.15
C ARG C 4 11.81 -26.92 15.67
N GLY C 5 10.93 -26.03 16.12
CA GLY C 5 11.09 -24.61 15.86
C GLY C 5 12.19 -23.95 16.67
N ILE C 6 13.02 -23.14 16.01
CA ILE C 6 14.02 -22.31 16.68
C ILE C 6 13.66 -20.85 16.47
N ARG C 7 13.54 -20.09 17.57
CA ARG C 7 13.10 -18.70 17.51
C ARG C 7 14.28 -17.74 17.56
N GLY C 8 14.14 -16.63 16.85
CA GLY C 8 15.13 -15.57 16.91
C GLY C 8 14.42 -14.23 16.84
N ALA C 9 15.02 -13.23 17.46
CA ALA C 9 14.51 -11.87 17.37
C ALA C 9 15.64 -10.83 17.48
N THR C 10 15.50 -9.74 16.73
CA THR C 10 16.48 -8.67 16.79
C THR C 10 15.80 -7.35 16.39
N THR C 11 16.56 -6.27 16.47
CA THR C 11 16.05 -4.96 16.12
C THR C 11 17.05 -4.19 15.28
N VAL C 12 16.56 -3.19 14.55
CA VAL C 12 17.42 -2.26 13.81
C VAL C 12 17.09 -0.85 14.27
N GLU C 13 18.02 0.08 14.05
CA GLU C 13 17.80 1.47 14.47
C GLU C 13 17.17 2.30 13.35
N ARG C 14 17.43 1.90 12.11
CA ARG C 14 16.91 2.63 10.97
C ARG C 14 16.40 1.67 9.90
N ASP C 15 15.34 2.08 9.21
CA ASP C 15 14.73 1.26 8.19
C ASP C 15 15.49 1.43 6.88
N THR C 16 16.62 0.73 6.77
CA THR C 16 17.41 0.73 5.53
C THR C 16 17.67 -0.72 5.12
N GLU C 17 17.85 -0.96 3.82
CA GLU C 17 18.18 -2.33 3.39
C GLU C 17 19.49 -2.81 4.06
N GLU C 18 20.47 -1.92 4.14
CA GLU C 18 21.78 -2.26 4.73
C GLU C 18 21.65 -2.75 6.18
N GLU C 19 20.99 -1.98 7.03
CA GLU C 19 20.84 -2.43 8.43
C GLU C 19 19.94 -3.65 8.60
N ILE C 20 18.81 -3.68 7.88
CA ILE C 20 17.94 -4.86 7.95
C ILE C 20 18.70 -6.14 7.59
N LEU C 21 19.45 -6.10 6.49
CA LEU C 21 20.16 -7.29 6.03
C LEU C 21 21.29 -7.67 7.00
N GLN C 22 22.02 -6.65 7.46
CA GLN C 22 23.12 -6.88 8.39
C GLN C 22 22.70 -7.50 9.73
N LYS C 23 21.67 -6.93 10.36
CA LYS C 23 21.17 -7.45 11.63
C LYS C 23 20.50 -8.82 11.46
N THR C 24 19.82 -9.02 10.33
CA THR C 24 19.18 -10.30 10.05
C THR C 24 20.25 -11.36 9.88
N LYS C 25 21.31 -11.02 9.15
CA LYS C 25 22.40 -11.98 8.94
C LYS C 25 23.02 -12.35 10.27
N GLN C 26 23.31 -11.35 11.10
CA GLN C 26 23.93 -11.60 12.39
C GLN C 26 23.07 -12.48 13.29
N LEU C 27 21.75 -12.28 13.23
CA LEU C 27 20.82 -13.11 13.99
C LEU C 27 20.86 -14.56 13.50
N LEU C 28 20.80 -14.76 12.18
CA LEU C 28 20.84 -16.10 11.60
C LEU C 28 22.15 -16.81 11.96
N GLU C 29 23.26 -16.10 11.84
CA GLU C 29 24.59 -16.66 12.12
C GLU C 29 24.72 -17.12 13.56
N LYS C 30 24.13 -16.36 14.48
CA LYS C 30 24.17 -16.69 15.91
C LYS C 30 23.31 -17.92 16.19
N ILE C 31 22.18 -18.01 15.49
CA ILE C 31 21.30 -19.16 15.61
C ILE C 31 21.96 -20.44 15.09
N ILE C 32 22.65 -20.32 13.96
CA ILE C 32 23.29 -21.45 13.29
C ILE C 32 24.48 -21.96 14.10
N GLU C 33 25.15 -21.03 14.75
CA GLU C 33 26.27 -21.35 15.62
C GLU C 33 25.85 -22.01 16.93
N GLU C 34 24.81 -21.48 17.57
CA GLU C 34 24.35 -21.99 18.87
C GLU C 34 23.69 -23.34 18.74
N ASN C 35 23.03 -23.56 17.60
CA ASN C 35 22.30 -24.79 17.35
C ASN C 35 22.99 -25.78 16.41
N HIS C 36 24.14 -25.40 15.85
CA HIS C 36 24.92 -26.27 14.97
C HIS C 36 24.11 -26.72 13.75
N THR C 37 23.34 -25.77 13.22
CA THR C 37 22.37 -26.05 12.18
C THR C 37 22.99 -26.11 10.80
N LYS C 38 22.68 -27.18 10.07
CA LYS C 38 23.13 -27.34 8.70
C LYS C 38 21.93 -27.09 7.78
N PRO C 39 22.15 -26.35 6.69
CA PRO C 39 21.03 -25.89 5.85
C PRO C 39 20.14 -27.03 5.34
N GLU C 40 20.71 -28.19 5.04
CA GLU C 40 19.90 -29.33 4.58
C GLU C 40 18.90 -29.83 5.62
N ASP C 41 19.14 -29.53 6.90
CA ASP C 41 18.27 -30.00 7.97
C ASP C 41 17.13 -29.00 8.24
N VAL C 42 17.16 -27.85 7.56
CA VAL C 42 16.11 -26.85 7.77
C VAL C 42 14.88 -27.18 6.91
N VAL C 43 13.74 -27.39 7.57
CA VAL C 43 12.49 -27.68 6.88
C VAL C 43 12.06 -26.45 6.05
N GLN C 44 11.99 -25.32 6.73
CA GLN C 44 11.59 -24.04 6.16
C GLN C 44 11.86 -22.97 7.19
N MET C 45 11.77 -21.71 6.77
CA MET C 45 11.93 -20.62 7.72
C MET C 45 10.89 -19.55 7.47
N LEU C 46 10.41 -18.93 8.54
CA LEU C 46 9.52 -17.77 8.45
C LEU C 46 10.20 -16.57 9.07
N LEU C 47 10.17 -15.43 8.39
CA LEU C 47 10.70 -14.21 9.00
C LEU C 47 9.60 -13.16 9.05
N SER C 48 9.59 -12.36 10.11
CA SER C 48 8.59 -11.28 10.22
C SER C 48 9.24 -9.94 10.52
N ALA C 49 8.53 -8.86 10.19
CA ALA C 49 8.99 -7.53 10.57
C ALA C 49 7.79 -6.75 11.07
N THR C 50 8.03 -5.88 12.04
CA THR C 50 6.99 -4.96 12.48
C THR C 50 6.69 -4.01 11.32
N PRO C 51 5.49 -3.39 11.31
CA PRO C 51 5.07 -2.59 10.15
C PRO C 51 5.75 -1.25 10.01
N ASP C 52 6.76 -0.97 10.85
CA ASP C 52 7.61 0.21 10.68
C ASP C 52 8.89 -0.09 9.87
N LEU C 53 9.00 -1.30 9.33
CA LEU C 53 10.13 -1.64 8.46
C LEU C 53 9.65 -1.98 7.06
N HIS C 54 10.19 -1.30 6.05
CA HIS C 54 9.72 -1.46 4.68
C HIS C 54 10.83 -1.58 3.64
N ALA C 55 12.09 -1.48 4.04
CA ALA C 55 13.16 -1.27 3.06
C ALA C 55 13.49 -2.51 2.24
N VAL C 56 13.38 -3.68 2.85
CA VAL C 56 13.75 -4.92 2.20
C VAL C 56 13.12 -6.11 2.91
N PHE C 57 12.93 -7.22 2.20
CA PHE C 57 12.52 -8.46 2.86
C PHE C 57 13.74 -9.02 3.60
N PRO C 58 13.58 -9.31 4.90
CA PRO C 58 14.71 -9.86 5.69
C PRO C 58 15.24 -11.17 5.11
N ALA C 59 14.39 -11.90 4.38
CA ALA C 59 14.78 -13.18 3.81
C ALA C 59 15.92 -13.05 2.83
N LYS C 60 16.14 -11.84 2.33
CA LYS C 60 17.19 -11.61 1.36
C LYS C 60 18.56 -11.95 1.97
N ALA C 61 18.67 -11.79 3.29
CA ALA C 61 19.94 -12.01 3.98
C ALA C 61 20.35 -13.49 4.02
N VAL C 62 19.38 -14.38 3.75
CA VAL C 62 19.63 -15.83 3.80
C VAL C 62 20.59 -16.26 2.69
N ARG C 63 20.50 -15.60 1.54
CA ARG C 63 21.39 -15.96 0.43
C ARG C 63 22.78 -15.33 0.53
N GLU C 64 23.05 -14.68 1.66
CA GLU C 64 24.40 -14.24 2.00
C GLU C 64 25.08 -15.31 2.83
N LEU C 65 24.32 -16.35 3.17
CA LEU C 65 24.85 -17.52 3.87
C LEU C 65 25.17 -18.62 2.86
N SER C 66 26.46 -18.87 2.66
CA SER C 66 26.90 -19.94 1.78
C SER C 66 26.23 -21.27 2.15
N GLY C 67 25.63 -21.92 1.16
CA GLY C 67 25.05 -23.23 1.35
C GLY C 67 23.55 -23.22 1.65
N TRP C 68 22.98 -22.02 1.75
CA TRP C 68 21.60 -21.86 2.20
C TRP C 68 20.63 -21.50 1.08
N GLN C 69 21.09 -21.66 -0.16
CA GLN C 69 20.31 -21.18 -1.30
C GLN C 69 19.03 -21.98 -1.54
N TYR C 70 18.93 -23.18 -0.97
CA TYR C 70 17.75 -24.02 -1.22
C TYR C 70 16.79 -24.07 -0.03
N VAL C 71 17.11 -23.35 1.04
CA VAL C 71 16.26 -23.34 2.22
C VAL C 71 15.02 -22.49 1.90
N PRO C 72 13.82 -23.09 2.03
CA PRO C 72 12.64 -22.30 1.67
C PRO C 72 12.29 -21.28 2.75
N VAL C 73 12.10 -20.03 2.33
CA VAL C 73 11.83 -18.97 3.28
C VAL C 73 10.71 -18.07 2.79
N THR C 74 9.92 -17.55 3.72
CA THR C 74 8.98 -16.52 3.36
C THR C 74 8.79 -15.53 4.51
N CYS C 75 8.23 -14.37 4.20
CA CYS C 75 8.17 -13.30 5.15
C CYS C 75 6.71 -12.93 5.44
N MET C 76 6.48 -12.35 6.61
CA MET C 76 5.13 -11.95 6.98
C MET C 76 5.21 -10.69 7.82
N GLN C 77 4.08 -10.02 7.95
CA GLN C 77 4.04 -8.80 8.75
C GLN C 77 3.73 -9.23 10.18
N GLU C 78 4.56 -8.79 11.11
CA GLU C 78 4.26 -8.96 12.53
C GLU C 78 3.03 -8.12 12.85
N MET C 79 2.22 -8.57 13.80
CA MET C 79 1.07 -7.77 14.20
C MET C 79 1.54 -6.51 14.91
N ASP C 80 0.74 -5.45 14.79
CA ASP C 80 1.07 -4.16 15.33
C ASP C 80 0.50 -4.06 16.73
N VAL C 81 1.33 -4.35 17.73
CA VAL C 81 0.88 -4.29 19.11
C VAL C 81 1.24 -2.98 19.79
N THR C 82 0.23 -2.39 20.43
CA THR C 82 0.34 -1.14 21.16
C THR C 82 1.36 -1.27 22.28
N GLY C 83 2.43 -0.47 22.18
CA GLY C 83 3.49 -0.51 23.16
C GLY C 83 4.50 -1.62 22.87
N GLY C 84 4.31 -2.33 21.77
CA GLY C 84 5.19 -3.42 21.39
C GLY C 84 6.54 -2.93 20.94
N LEU C 85 7.54 -3.81 20.96
CA LEU C 85 8.88 -3.46 20.54
C LEU C 85 8.89 -2.99 19.10
N LYS C 86 9.52 -1.85 18.84
CA LYS C 86 9.56 -1.28 17.50
C LYS C 86 10.74 -1.81 16.71
N LYS C 87 10.64 -1.68 15.38
CA LYS C 87 11.71 -2.05 14.46
C LYS C 87 12.30 -3.44 14.72
N CYS C 88 11.41 -4.42 14.80
CA CYS C 88 11.78 -5.76 15.27
C CYS C 88 11.62 -6.79 14.14
N ILE C 89 12.64 -7.63 14.03
CA ILE C 89 12.69 -8.71 13.05
C ILE C 89 12.74 -10.02 13.80
C CIR C 90 11.98 -13.33 13.10
O CIR C 90 11.70 -13.21 11.89
CA CIR C 90 11.82 -12.22 14.08
N CIR C 90 11.87 -10.94 13.43
C3 CIR C 90 10.52 -12.37 14.80
C4 CIR C 90 10.31 -11.49 15.98
C5 CIR C 90 8.93 -11.44 16.57
N6 CIR C 90 8.72 -10.62 17.71
C7 CIR C 90 8.19 -9.30 17.58
O7 CIR C 90 7.94 -8.86 16.45
N8 CIR C 90 7.97 -8.50 18.75
N VAL C 91 12.41 -14.47 13.62
CA VAL C 91 12.63 -15.68 12.83
CA VAL C 91 12.51 -15.65 12.79
C VAL C 91 11.97 -16.86 13.53
N MET C 92 11.37 -17.76 12.76
CA MET C 92 11.02 -19.11 13.20
C MET C 92 11.66 -20.06 12.20
N MET C 93 12.75 -20.69 12.61
CA MET C 93 13.48 -21.60 11.76
C MET C 93 13.09 -23.00 12.17
N THR C 94 12.46 -23.75 11.26
CA THR C 94 12.00 -25.10 11.58
C THR C 94 13.04 -26.15 11.16
N VAL C 95 13.56 -26.93 12.12
CA VAL C 95 14.69 -27.82 11.83
C VAL C 95 14.47 -29.28 12.22
N GLN C 96 15.09 -30.18 11.46
CA GLN C 96 15.20 -31.56 11.89
C GLN C 96 16.30 -31.61 12.95
N THR C 97 15.94 -32.01 14.17
CA THR C 97 16.93 -32.08 15.26
C THR C 97 16.54 -33.06 16.34
N ASP C 98 17.56 -33.59 17.01
CA ASP C 98 17.37 -34.48 18.14
C ASP C 98 17.69 -33.80 19.47
N VAL C 99 18.06 -32.53 19.42
CA VAL C 99 18.19 -31.73 20.64
C VAL C 99 16.80 -31.63 21.30
N PRO C 100 16.73 -31.89 22.61
CA PRO C 100 15.42 -31.80 23.27
C PRO C 100 14.92 -30.36 23.32
N GLN C 101 13.62 -30.21 23.50
CA GLN C 101 12.96 -28.90 23.40
C GLN C 101 13.54 -27.86 24.37
N GLU C 102 13.84 -28.30 25.60
CA GLU C 102 14.35 -27.37 26.61
C GLU C 102 15.80 -26.96 26.35
N GLN C 103 16.45 -27.60 25.40
CA GLN C 103 17.84 -27.28 25.11
C GLN C 103 18.03 -26.52 23.80
N ILE C 104 16.97 -26.38 23.02
CA ILE C 104 17.03 -25.56 21.80
C ILE C 104 17.47 -24.17 22.21
N ARG C 105 18.45 -23.62 21.49
CA ARG C 105 18.99 -22.31 21.83
C ARG C 105 18.32 -21.21 21.01
N HIS C 106 17.31 -20.56 21.59
CA HIS C 106 16.65 -19.44 20.92
C HIS C 106 17.50 -18.18 21.13
N VAL C 107 17.51 -17.29 20.14
CA VAL C 107 18.43 -16.17 20.15
C VAL C 107 17.72 -14.81 20.10
N TYR C 108 18.02 -13.95 21.07
CA TYR C 108 17.45 -12.63 21.15
C TYR C 108 18.55 -11.59 21.22
N LEU C 109 18.64 -10.73 20.20
CA LEU C 109 19.76 -9.79 20.12
C LEU C 109 19.30 -8.35 20.07
N GLU C 110 20.26 -7.44 20.15
CA GLU C 110 20.01 -6.01 20.22
C GLU C 110 18.93 -5.66 21.24
N LYS C 111 17.92 -4.89 20.84
CA LYS C 111 16.87 -4.49 21.78
C LYS C 111 15.82 -5.57 22.03
N ALA C 112 15.91 -6.69 21.28
CA ALA C 112 14.94 -7.77 21.43
C ALA C 112 15.23 -8.62 22.67
N VAL C 113 16.34 -8.34 23.34
CA VAL C 113 16.69 -9.10 24.55
C VAL C 113 15.58 -9.04 25.61
N VAL C 114 14.83 -7.94 25.59
CA VAL C 114 13.70 -7.75 26.50
C VAL C 114 12.59 -8.80 26.29
N LEU C 115 12.60 -9.48 25.16
CA LEU C 115 11.58 -10.47 24.86
C LEU C 115 11.85 -11.86 25.48
N ARG C 116 13.09 -12.11 25.90
CA ARG C 116 13.46 -13.39 26.51
C ARG C 116 12.57 -13.76 27.68
N PRO C 117 12.31 -15.07 27.87
CA PRO C 117 11.58 -15.59 29.03
C PRO C 117 12.41 -15.56 30.31
N MET D 1 -9.69 41.15 -4.14
CA MET D 1 -10.36 39.92 -4.59
C MET D 1 -9.38 39.06 -5.38
N MET D 2 -8.66 38.22 -4.64
CA MET D 2 -7.60 37.38 -5.17
C MET D 2 -8.12 35.94 -5.23
N ILE D 3 -7.33 35.01 -5.79
CA ILE D 3 -7.67 33.61 -5.83
C ILE D 3 -6.80 32.85 -4.81
N ARG D 4 -7.40 32.00 -3.98
CA ARG D 4 -6.65 31.30 -2.94
C ARG D 4 -7.10 29.85 -2.79
N GLY D 5 -6.13 28.98 -2.53
CA GLY D 5 -6.43 27.59 -2.24
C GLY D 5 -6.83 27.36 -0.80
N ILE D 6 -7.83 26.50 -0.59
CA ILE D 6 -8.21 26.07 0.75
C ILE D 6 -8.00 24.57 0.84
N ARG D 7 -7.24 24.17 1.85
CA ARG D 7 -6.90 22.76 2.04
C ARG D 7 -7.78 22.07 3.07
N GLY D 8 -8.07 20.80 2.85
CA GLY D 8 -8.71 19.98 3.87
C GLY D 8 -8.13 18.59 3.87
N ALA D 9 -8.28 17.88 4.98
CA ALA D 9 -7.86 16.49 5.02
C ALA D 9 -8.68 15.73 6.06
N THR D 10 -8.96 14.47 5.78
CA THR D 10 -9.70 13.63 6.72
C THR D 10 -9.36 12.18 6.45
N THR D 11 -9.96 11.28 7.23
CA THR D 11 -9.70 9.84 7.06
C THR D 11 -10.98 9.01 7.19
N VAL D 12 -10.95 7.82 6.62
CA VAL D 12 -12.01 6.84 6.83
C VAL D 12 -11.44 5.57 7.49
N GLU D 13 -12.28 4.83 8.19
CA GLU D 13 -11.85 3.60 8.82
C GLU D 13 -11.95 2.40 7.87
N ARG D 14 -12.91 2.45 6.96
CA ARG D 14 -13.10 1.35 6.00
C ARG D 14 -13.22 1.88 4.57
N ASP D 15 -12.78 1.06 3.62
CA ASP D 15 -12.90 1.40 2.20
C ASP D 15 -14.31 1.07 1.71
N THR D 16 -15.27 1.89 2.10
CA THR D 16 -16.66 1.71 1.67
C THR D 16 -17.18 2.99 1.04
N GLU D 17 -18.09 2.86 0.09
CA GLU D 17 -18.68 4.03 -0.55
C GLU D 17 -19.34 4.87 0.52
N GLU D 18 -20.03 4.20 1.44
CA GLU D 18 -20.74 4.85 2.53
C GLU D 18 -19.85 5.82 3.31
N GLU D 19 -18.72 5.34 3.78
CA GLU D 19 -17.86 6.15 4.64
C GLU D 19 -17.03 7.20 3.89
N ILE D 20 -16.49 6.84 2.73
CA ILE D 20 -15.79 7.82 1.91
C ILE D 20 -16.71 9.02 1.61
N LEU D 21 -17.92 8.75 1.16
CA LEU D 21 -18.85 9.85 0.88
C LEU D 21 -19.23 10.64 2.13
N GLN D 22 -19.52 9.94 3.23
CA GLN D 22 -19.86 10.61 4.47
C GLN D 22 -18.74 11.51 4.97
N LYS D 23 -17.53 10.98 5.08
CA LYS D 23 -16.42 11.76 5.60
C LYS D 23 -16.06 12.91 4.64
N THR D 24 -16.12 12.65 3.33
CA THR D 24 -15.83 13.69 2.35
C THR D 24 -16.86 14.82 2.45
N LYS D 25 -18.14 14.46 2.57
CA LYS D 25 -19.16 15.50 2.68
C LYS D 25 -18.96 16.34 3.93
N GLN D 26 -18.68 15.68 5.06
CA GLN D 26 -18.46 16.39 6.32
C GLN D 26 -17.25 17.32 6.24
N LEU D 27 -16.21 16.90 5.55
CA LEU D 27 -15.02 17.73 5.40
C LEU D 27 -15.37 18.96 4.57
N LEU D 28 -16.06 18.73 3.45
CA LEU D 28 -16.46 19.82 2.58
C LEU D 28 -17.37 20.83 3.30
N GLU D 29 -18.31 20.29 4.07
CA GLU D 29 -19.22 21.13 4.83
C GLU D 29 -18.50 22.00 5.85
N LYS D 30 -17.48 21.45 6.51
CA LYS D 30 -16.73 22.22 7.50
C LYS D 30 -15.91 23.33 6.82
N ILE D 31 -15.27 23.01 5.70
CA ILE D 31 -14.55 24.01 4.91
C ILE D 31 -15.47 25.16 4.51
N ILE D 32 -16.65 24.80 4.00
CA ILE D 32 -17.64 25.79 3.56
C ILE D 32 -18.10 26.68 4.70
N GLU D 33 -18.35 26.08 5.86
CA GLU D 33 -18.81 26.83 7.03
C GLU D 33 -17.73 27.80 7.54
N GLU D 34 -16.50 27.32 7.64
CA GLU D 34 -15.40 28.11 8.19
C GLU D 34 -14.91 29.22 7.24
N ASN D 35 -15.10 29.01 5.95
CA ASN D 35 -14.67 30.00 4.96
C ASN D 35 -15.81 30.76 4.26
N HIS D 36 -17.05 30.49 4.67
CA HIS D 36 -18.24 31.17 4.14
C HIS D 36 -18.35 31.06 2.62
N THR D 37 -17.91 29.93 2.08
CA THR D 37 -17.74 29.77 0.64
C THR D 37 -19.05 29.57 -0.13
N LYS D 38 -19.22 30.32 -1.21
CA LYS D 38 -20.35 30.12 -2.13
C LYS D 38 -19.85 29.37 -3.36
N PRO D 39 -20.65 28.42 -3.87
CA PRO D 39 -20.19 27.59 -4.99
C PRO D 39 -19.79 28.40 -6.24
N GLU D 40 -20.43 29.54 -6.51
CA GLU D 40 -20.07 30.31 -7.71
C GLU D 40 -18.67 30.93 -7.60
N ASP D 41 -18.12 30.98 -6.40
CA ASP D 41 -16.79 31.55 -6.20
C ASP D 41 -15.70 30.50 -6.20
N VAL D 42 -16.11 29.24 -6.39
CA VAL D 42 -15.15 28.16 -6.50
C VAL D 42 -14.66 28.00 -7.94
N VAL D 43 -13.36 28.26 -8.14
CA VAL D 43 -12.72 28.10 -9.44
C VAL D 43 -12.76 26.64 -9.86
N GLN D 44 -12.30 25.77 -8.96
CA GLN D 44 -12.27 24.34 -9.24
C GLN D 44 -11.86 23.67 -7.94
N MET D 45 -11.94 22.34 -7.92
CA MET D 45 -11.56 21.59 -6.72
C MET D 45 -10.84 20.32 -7.11
N LEU D 46 -9.83 19.93 -6.32
CA LEU D 46 -9.12 18.68 -6.56
C LEU D 46 -9.25 17.86 -5.29
N LEU D 47 -9.75 16.63 -5.42
CA LEU D 47 -9.82 15.71 -4.28
C LEU D 47 -8.78 14.61 -4.50
N SER D 48 -8.16 14.12 -3.43
CA SER D 48 -7.19 13.04 -3.62
C SER D 48 -7.47 11.97 -2.59
N ALA D 49 -6.98 10.76 -2.84
CA ALA D 49 -7.06 9.71 -1.84
C ALA D 49 -5.80 8.88 -1.92
N THR D 50 -5.40 8.30 -0.78
CA THR D 50 -4.29 7.38 -0.77
C THR D 50 -4.68 6.15 -1.58
N PRO D 51 -3.70 5.41 -2.11
CA PRO D 51 -3.98 4.27 -2.99
C PRO D 51 -4.60 3.07 -2.29
N ASP D 52 -4.99 3.20 -1.03
CA ASP D 52 -5.68 2.12 -0.31
C ASP D 52 -7.20 2.31 -0.29
N LEU D 53 -7.70 3.32 -1.00
CA LEU D 53 -9.14 3.58 -1.12
C LEU D 53 -9.62 3.41 -2.56
N HIS D 54 -10.61 2.54 -2.78
CA HIS D 54 -11.10 2.24 -4.13
C HIS D 54 -12.61 2.20 -4.31
N ALA D 55 -13.36 2.35 -3.22
CA ALA D 55 -14.81 2.10 -3.28
C ALA D 55 -15.58 3.09 -4.17
N VAL D 56 -15.14 4.33 -4.19
CA VAL D 56 -15.87 5.39 -4.89
C VAL D 56 -14.96 6.60 -5.04
N PHE D 57 -15.22 7.42 -6.06
CA PHE D 57 -14.55 8.70 -6.19
C PHE D 57 -15.10 9.64 -5.13
N PRO D 58 -14.21 10.29 -4.35
CA PRO D 58 -14.71 11.20 -3.32
C PRO D 58 -15.52 12.36 -3.91
N ALA D 59 -15.31 12.65 -5.19
CA ALA D 59 -16.02 13.75 -5.85
C ALA D 59 -17.52 13.57 -5.91
N LYS D 60 -17.99 12.34 -5.70
CA LYS D 60 -19.42 12.03 -5.75
C LYS D 60 -20.16 12.73 -4.61
N ALA D 61 -19.47 12.91 -3.48
CA ALA D 61 -20.04 13.61 -2.33
C ALA D 61 -20.43 15.06 -2.61
N VAL D 62 -19.80 15.67 -3.61
CA VAL D 62 -20.09 17.06 -3.98
C VAL D 62 -21.56 17.22 -4.42
N ARG D 63 -22.08 16.20 -5.07
CA ARG D 63 -23.47 16.23 -5.53
C ARG D 63 -24.46 16.22 -4.36
N GLU D 64 -23.97 15.96 -3.16
CA GLU D 64 -24.81 16.01 -1.97
C GLU D 64 -24.87 17.43 -1.38
N LEU D 65 -24.18 18.37 -2.01
CA LEU D 65 -24.17 19.77 -1.61
C LEU D 65 -25.06 20.59 -2.53
N SER D 66 -26.13 21.14 -1.96
CA SER D 66 -27.08 21.94 -2.73
C SER D 66 -26.41 23.14 -3.40
N GLY D 67 -26.51 23.21 -4.73
CA GLY D 67 -26.05 24.37 -5.46
C GLY D 67 -24.66 24.23 -6.05
N TRP D 68 -24.02 23.09 -5.80
CA TRP D 68 -22.63 22.86 -6.20
C TRP D 68 -22.48 22.02 -7.46
N GLN D 69 -23.57 21.83 -8.20
CA GLN D 69 -23.55 20.94 -9.35
C GLN D 69 -22.68 21.43 -10.52
N TYR D 70 -22.34 22.71 -10.53
CA TYR D 70 -21.54 23.27 -11.63
C TYR D 70 -20.11 23.54 -11.21
N VAL D 71 -19.77 23.19 -9.98
CA VAL D 71 -18.39 23.31 -9.53
C VAL D 71 -17.51 22.20 -10.15
N PRO D 72 -16.51 22.58 -10.93
CA PRO D 72 -15.68 21.58 -11.60
C PRO D 72 -14.73 20.91 -10.61
N VAL D 73 -14.72 19.58 -10.61
CA VAL D 73 -13.99 18.82 -9.60
C VAL D 73 -13.33 17.65 -10.28
N THR D 74 -12.13 17.27 -9.83
CA THR D 74 -11.54 16.05 -10.36
C THR D 74 -10.72 15.38 -9.25
N CYS D 75 -10.40 14.10 -9.42
CA CYS D 75 -9.77 13.37 -8.36
C CYS D 75 -8.41 12.86 -8.83
N MET D 76 -7.55 12.49 -7.90
CA MET D 76 -6.26 11.98 -8.29
C MET D 76 -5.74 11.13 -7.15
N GLN D 77 -4.72 10.34 -7.43
CA GLN D 77 -4.15 9.51 -6.36
C GLN D 77 -3.10 10.29 -5.58
N GLU D 78 -3.22 10.27 -4.26
CA GLU D 78 -2.21 10.88 -3.41
C GLU D 78 -0.92 10.07 -3.50
N MET D 79 0.21 10.76 -3.36
CA MET D 79 1.51 10.11 -3.30
C MET D 79 1.59 9.08 -2.17
N ASP D 80 2.20 7.93 -2.45
CA ASP D 80 2.30 6.86 -1.48
C ASP D 80 3.57 7.02 -0.65
N VAL D 81 3.42 7.54 0.56
CA VAL D 81 4.55 7.84 1.43
C VAL D 81 4.71 6.82 2.56
N THR D 82 5.93 6.32 2.71
CA THR D 82 6.25 5.32 3.72
C THR D 82 5.96 5.87 5.11
N GLY D 83 5.12 5.14 5.84
CA GLY D 83 4.74 5.50 7.19
C GLY D 83 3.77 6.68 7.24
N GLY D 84 3.21 7.04 6.09
CA GLY D 84 2.27 8.15 6.01
C GLY D 84 0.87 7.78 6.50
N LEU D 85 0.00 8.76 6.63
CA LEU D 85 -1.37 8.52 7.08
C LEU D 85 -2.14 7.61 6.10
N LYS D 86 -2.77 6.56 6.62
CA LYS D 86 -3.51 5.63 5.76
C LYS D 86 -4.93 6.11 5.54
N LYS D 87 -5.56 5.59 4.48
CA LYS D 87 -6.96 5.91 4.13
C LYS D 87 -7.30 7.39 4.31
N CYS D 88 -6.54 8.25 3.65
CA CYS D 88 -6.64 9.69 3.82
C CYS D 88 -7.21 10.33 2.56
N ILE D 89 -8.15 11.24 2.75
CA ILE D 89 -8.75 11.99 1.65
C ILE D 89 -8.41 13.47 1.83
C CIR D 90 -8.34 16.35 -0.13
O CIR D 90 -8.81 15.79 -1.15
CA CIR D 90 -7.60 15.53 0.88
N CIR D 90 -7.98 14.14 0.77
C3 CIR D 90 -6.12 15.66 0.71
C4 CIR D 90 -5.23 15.21 1.83
C5 CIR D 90 -3.75 15.09 1.57
N6 CIR D 90 -2.91 14.63 2.64
C7 CIR D 90 -2.54 13.26 2.71
O7 CIR D 90 -2.92 12.47 1.85
N8 CIR D 90 -1.71 12.79 3.78
N VAL D 91 -8.51 17.65 0.15
CA VAL D 91 -9.17 18.59 -0.78
C VAL D 91 -8.24 19.75 -1.06
N MET D 92 -8.23 20.26 -2.29
CA MET D 92 -7.71 21.59 -2.53
C MET D 92 -8.80 22.35 -3.25
N MET D 93 -9.40 23.31 -2.56
CA MET D 93 -10.53 24.06 -3.09
C MET D 93 -10.08 25.47 -3.45
N THR D 94 -10.09 25.81 -4.74
CA THR D 94 -9.56 27.10 -5.21
C THR D 94 -10.71 28.08 -5.29
N VAL D 95 -10.60 29.21 -4.60
CA VAL D 95 -11.72 30.13 -4.49
C VAL D 95 -11.33 31.59 -4.72
N GLN D 96 -12.29 32.38 -5.20
CA GLN D 96 -12.14 33.82 -5.23
C GLN D 96 -12.50 34.39 -3.84
N THR D 97 -11.58 35.15 -3.24
CA THR D 97 -11.78 35.62 -1.87
C THR D 97 -11.00 36.90 -1.55
N ASP D 98 -11.52 37.69 -0.60
CA ASP D 98 -10.82 38.85 -0.06
C ASP D 98 -9.94 38.48 1.15
N VAL D 99 -10.11 37.26 1.66
CA VAL D 99 -9.39 36.87 2.86
C VAL D 99 -7.90 36.71 2.58
N PRO D 100 -7.05 37.28 3.46
CA PRO D 100 -5.60 37.17 3.26
C PRO D 100 -5.11 35.75 3.47
N GLN D 101 -4.00 35.40 2.85
CA GLN D 101 -3.46 34.03 2.90
C GLN D 101 -3.39 33.46 4.31
N GLU D 102 -2.91 34.27 5.25
CA GLU D 102 -2.68 33.81 6.62
C GLU D 102 -3.96 33.63 7.42
N GLN D 103 -5.10 34.04 6.84
CA GLN D 103 -6.38 33.96 7.52
C GLN D 103 -7.35 32.93 6.92
N ILE D 104 -6.92 32.27 5.84
CA ILE D 104 -7.69 31.18 5.24
C ILE D 104 -7.81 30.05 6.27
N ARG D 105 -9.00 29.46 6.39
CA ARG D 105 -9.26 28.42 7.40
C ARG D 105 -9.18 27.04 6.78
N HIS D 106 -7.98 26.45 6.86
CA HIS D 106 -7.78 25.07 6.43
C HIS D 106 -8.32 24.09 7.48
N VAL D 107 -8.79 22.93 7.02
CA VAL D 107 -9.58 22.02 7.87
C VAL D 107 -9.03 20.59 7.93
N TYR D 108 -8.72 20.14 9.13
CA TYR D 108 -8.21 18.79 9.34
C TYR D 108 -9.09 18.03 10.32
N LEU D 109 -9.63 16.90 9.88
CA LEU D 109 -10.65 16.17 10.62
C LEU D 109 -10.25 14.71 10.82
N GLU D 110 -10.95 14.03 11.73
CA GLU D 110 -10.67 12.63 12.04
C GLU D 110 -9.19 12.42 12.35
N LYS D 111 -8.56 11.41 11.74
CA LYS D 111 -7.17 11.10 12.07
C LYS D 111 -6.17 12.06 11.43
N ALA D 112 -6.66 12.86 10.50
CA ALA D 112 -5.84 13.85 9.80
C ALA D 112 -5.56 15.10 10.64
N VAL D 113 -6.13 15.16 11.83
CA VAL D 113 -5.82 16.24 12.76
C VAL D 113 -4.30 16.37 13.01
N VAL D 114 -3.55 15.27 12.88
CA VAL D 114 -2.11 15.30 13.07
C VAL D 114 -1.36 16.11 12.00
N LEU D 115 -2.00 16.34 10.86
CA LEU D 115 -1.39 17.11 9.77
C LEU D 115 -1.44 18.61 10.04
N ARG D 116 -2.30 19.00 10.97
CA ARG D 116 -2.49 20.39 11.36
C ARG D 116 -1.26 20.96 12.06
N PRO D 117 -0.70 22.06 11.53
CA PRO D 117 0.42 22.77 12.16
C PRO D 117 0.00 23.54 13.41
N MET E 1 -11.33 39.97 -13.12
CA MET E 1 -11.58 38.84 -13.99
C MET E 1 -11.44 37.50 -13.25
N MET E 2 -12.56 36.80 -13.12
CA MET E 2 -12.63 35.49 -12.46
C MET E 2 -11.88 34.41 -13.24
N ILE E 3 -11.48 33.35 -12.53
CA ILE E 3 -10.88 32.17 -13.14
C ILE E 3 -11.86 31.01 -12.99
N ARG E 4 -11.91 30.11 -13.97
CA ARG E 4 -12.83 28.98 -13.93
C ARG E 4 -12.13 27.72 -14.43
N GLY E 5 -12.44 26.59 -13.82
CA GLY E 5 -11.95 25.33 -14.35
C GLY E 5 -12.86 24.79 -15.44
N ILE E 6 -12.28 24.24 -16.50
CA ILE E 6 -13.07 23.53 -17.50
C ILE E 6 -12.67 22.06 -17.55
N ARG E 7 -13.64 21.17 -17.35
CA ARG E 7 -13.37 19.73 -17.31
C ARG E 7 -13.52 19.08 -18.67
N GLY E 8 -12.66 18.08 -18.91
CA GLY E 8 -12.80 17.19 -20.04
C GLY E 8 -12.53 15.75 -19.64
N ALA E 9 -13.15 14.82 -20.35
CA ALA E 9 -12.86 13.41 -20.16
C ALA E 9 -13.03 12.64 -21.46
N THR E 10 -12.17 11.65 -21.70
CA THR E 10 -12.26 10.82 -22.89
C THR E 10 -11.68 9.45 -22.57
N THR E 11 -11.77 8.52 -23.52
CA THR E 11 -11.19 7.19 -23.31
C THR E 11 -10.40 6.76 -24.54
N VAL E 12 -9.50 5.81 -24.35
CA VAL E 12 -8.82 5.16 -25.47
C VAL E 12 -9.17 3.68 -25.46
N GLU E 13 -9.03 3.02 -26.60
CA GLU E 13 -9.31 1.59 -26.67
C GLU E 13 -8.08 0.74 -26.32
N ARG E 14 -6.90 1.32 -26.53
CA ARG E 14 -5.63 0.65 -26.23
C ARG E 14 -4.62 1.62 -25.66
N ASP E 15 -3.74 1.09 -24.81
CA ASP E 15 -2.63 1.85 -24.24
C ASP E 15 -1.50 2.01 -25.25
N THR E 16 -1.73 2.85 -26.26
CA THR E 16 -0.72 3.12 -27.27
C THR E 16 -0.50 4.62 -27.38
N GLU E 17 0.66 5.01 -27.88
CA GLU E 17 0.96 6.44 -28.03
C GLU E 17 0.01 7.13 -28.99
N GLU E 18 -0.21 6.51 -30.15
CA GLU E 18 -1.06 7.07 -31.19
C GLU E 18 -2.45 7.37 -30.65
N GLU E 19 -3.03 6.42 -29.93
CA GLU E 19 -4.39 6.62 -29.45
C GLU E 19 -4.48 7.65 -28.33
N ILE E 20 -3.55 7.58 -27.38
CA ILE E 20 -3.54 8.54 -26.28
C ILE E 20 -3.38 9.96 -26.81
N LEU E 21 -2.47 10.14 -27.77
CA LEU E 21 -2.23 11.47 -28.30
C LEU E 21 -3.41 11.95 -29.14
N GLN E 22 -3.92 11.07 -30.00
CA GLN E 22 -5.04 11.41 -30.87
C GLN E 22 -6.29 11.77 -30.06
N LYS E 23 -6.62 10.95 -29.06
CA LYS E 23 -7.82 11.22 -28.27
C LYS E 23 -7.67 12.40 -27.32
N THR E 24 -6.47 12.61 -26.78
CA THR E 24 -6.25 13.79 -25.95
C THR E 24 -6.35 15.08 -26.79
N LYS E 25 -5.73 15.07 -27.96
CA LYS E 25 -5.80 16.23 -28.87
C LYS E 25 -7.25 16.56 -29.22
N GLN E 26 -8.01 15.54 -29.59
CA GLN E 26 -9.40 15.75 -29.98
C GLN E 26 -10.24 16.26 -28.81
N LEU E 27 -9.96 15.77 -27.59
CA LEU E 27 -10.65 16.30 -26.41
C LEU E 27 -10.34 17.79 -26.22
N LEU E 28 -9.06 18.16 -26.34
CA LEU E 28 -8.65 19.54 -26.11
C LEU E 28 -9.22 20.49 -27.16
N GLU E 29 -9.22 20.04 -28.41
CA GLU E 29 -9.73 20.88 -29.51
C GLU E 29 -11.22 21.15 -29.30
N LYS E 30 -11.94 20.17 -28.79
CA LYS E 30 -13.37 20.32 -28.54
C LYS E 30 -13.67 21.30 -27.39
N ILE E 31 -12.90 21.23 -26.30
CA ILE E 31 -13.02 22.21 -25.22
C ILE E 31 -12.71 23.65 -25.69
N ILE E 32 -11.64 23.78 -26.47
CA ILE E 32 -11.19 25.07 -26.96
C ILE E 32 -12.26 25.65 -27.87
N GLU E 33 -12.87 24.79 -28.67
CA GLU E 33 -13.86 25.22 -29.64
C GLU E 33 -15.13 25.68 -28.93
N GLU E 34 -15.61 24.88 -27.97
CA GLU E 34 -16.83 25.18 -27.25
C GLU E 34 -16.74 26.44 -26.38
N ASN E 35 -15.56 26.68 -25.81
CA ASN E 35 -15.37 27.78 -24.87
C ASN E 35 -14.58 28.94 -25.48
N HIS E 36 -14.21 28.79 -26.75
CA HIS E 36 -13.50 29.82 -27.51
C HIS E 36 -12.22 30.24 -26.81
N THR E 37 -11.49 29.25 -26.32
CA THR E 37 -10.37 29.49 -25.42
C THR E 37 -9.09 29.86 -26.17
N LYS E 38 -8.45 30.91 -25.69
CA LYS E 38 -7.19 31.35 -26.23
C LYS E 38 -6.11 30.98 -25.23
N PRO E 39 -4.97 30.47 -25.72
CA PRO E 39 -3.92 29.95 -24.85
C PRO E 39 -3.40 30.97 -23.85
N GLU E 40 -3.36 32.25 -24.24
CA GLU E 40 -2.91 33.30 -23.33
C GLU E 40 -3.79 33.39 -22.06
N ASP E 41 -5.04 32.95 -22.16
CA ASP E 41 -5.98 33.06 -21.05
C ASP E 41 -6.00 31.78 -20.20
N VAL E 42 -5.14 30.83 -20.56
CA VAL E 42 -5.07 29.60 -19.78
C VAL E 42 -4.02 29.74 -18.69
N VAL E 43 -4.49 29.69 -17.44
CA VAL E 43 -3.61 29.72 -16.27
C VAL E 43 -2.68 28.52 -16.28
N GLN E 44 -3.28 27.33 -16.42
CA GLN E 44 -2.55 26.07 -16.37
C GLN E 44 -3.49 24.93 -16.72
N MET E 45 -2.94 23.75 -16.98
CA MET E 45 -3.77 22.57 -17.20
C MET E 45 -3.28 21.39 -16.39
N LEU E 46 -4.22 20.57 -15.91
CA LEU E 46 -3.89 19.29 -15.28
C LEU E 46 -4.53 18.15 -16.07
N LEU E 47 -3.72 17.16 -16.42
CA LEU E 47 -4.22 15.99 -17.15
C LEU E 47 -4.02 14.76 -16.27
N SER E 48 -4.99 13.86 -16.26
CA SER E 48 -4.84 12.62 -15.50
C SER E 48 -5.15 11.40 -16.38
N ALA E 49 -4.65 10.24 -15.97
CA ALA E 49 -4.96 9.00 -16.67
C ALA E 49 -5.15 7.93 -15.62
N THR E 50 -6.09 7.04 -15.86
CA THR E 50 -6.24 5.85 -15.02
C THR E 50 -4.95 5.00 -15.08
N PRO E 51 -4.71 4.18 -14.03
CA PRO E 51 -3.45 3.45 -13.90
C PRO E 51 -3.26 2.29 -14.88
N ASP E 52 -4.19 2.13 -15.82
CA ASP E 52 -4.04 1.17 -16.90
C ASP E 52 -3.40 1.80 -18.16
N LEU E 53 -3.02 3.06 -18.09
CA LEU E 53 -2.40 3.74 -19.23
C LEU E 53 -0.97 4.19 -18.92
N HIS E 54 0.02 3.70 -19.68
CA HIS E 54 1.42 4.00 -19.41
C HIS E 54 2.26 4.39 -20.64
N ALA E 55 1.66 4.38 -21.83
CA ALA E 55 2.47 4.50 -23.05
C ALA E 55 3.17 5.83 -23.20
N VAL E 56 2.45 6.92 -22.88
CA VAL E 56 2.94 8.27 -23.11
C VAL E 56 2.20 9.24 -22.18
N PHE E 57 2.83 10.35 -21.80
CA PHE E 57 2.10 11.41 -21.10
C PHE E 57 1.08 12.08 -22.03
N PRO E 58 -0.19 12.16 -21.62
CA PRO E 58 -1.20 12.87 -22.43
C PRO E 58 -0.79 14.31 -22.74
N ALA E 59 0.06 14.89 -21.90
CA ALA E 59 0.48 16.29 -22.07
C ALA E 59 1.20 16.52 -23.38
N LYS E 60 1.75 15.45 -23.95
CA LYS E 60 2.47 15.56 -25.22
C LYS E 60 1.53 16.04 -26.33
N ALA E 61 0.24 15.77 -26.17
CA ALA E 61 -0.76 16.22 -27.16
C ALA E 61 -0.91 17.73 -27.24
N VAL E 62 -0.57 18.44 -26.16
CA VAL E 62 -0.65 19.90 -26.12
C VAL E 62 0.37 20.53 -27.07
N ARG E 63 1.51 19.85 -27.25
CA ARG E 63 2.52 20.32 -28.20
C ARG E 63 2.00 20.36 -29.64
N GLU E 64 0.89 19.69 -29.88
CA GLU E 64 0.30 19.66 -31.21
C GLU E 64 -0.72 20.78 -31.40
N LEU E 65 -0.85 21.62 -30.37
CA LEU E 65 -1.73 22.78 -30.44
C LEU E 65 -0.92 24.03 -30.75
N SER E 66 -1.11 24.56 -31.95
CA SER E 66 -0.38 25.75 -32.34
C SER E 66 -0.69 26.88 -31.38
N GLY E 67 0.36 27.50 -30.86
CA GLY E 67 0.20 28.65 -29.99
C GLY E 67 0.03 28.29 -28.52
N TRP E 68 0.11 27.01 -28.20
CA TRP E 68 -0.06 26.53 -26.82
C TRP E 68 1.25 26.09 -26.18
N GLN E 69 2.37 26.44 -26.79
CA GLN E 69 3.67 25.96 -26.31
C GLN E 69 4.07 26.54 -24.95
N TYR E 70 3.36 27.58 -24.50
CA TYR E 70 3.69 28.23 -23.23
C TYR E 70 2.66 27.97 -22.13
N VAL E 71 1.63 27.19 -22.44
CA VAL E 71 0.63 26.81 -21.43
C VAL E 71 1.24 25.74 -20.52
N PRO E 72 1.35 26.03 -19.21
CA PRO E 72 1.99 25.05 -18.33
C PRO E 72 1.04 23.90 -18.00
N VAL E 73 1.57 22.68 -18.12
CA VAL E 73 0.76 21.48 -17.96
C VAL E 73 1.54 20.44 -17.15
N THR E 74 0.83 19.70 -16.31
CA THR E 74 1.43 18.55 -15.66
C THR E 74 0.43 17.39 -15.59
N CYS E 75 0.93 16.18 -15.39
CA CYS E 75 0.07 15.03 -15.42
C CYS E 75 0.08 14.37 -14.05
N MET E 76 -0.96 13.61 -13.77
CA MET E 76 -1.03 12.88 -12.51
C MET E 76 -1.79 11.58 -12.72
N GLN E 77 -1.69 10.69 -11.74
CA GLN E 77 -2.42 9.45 -11.83
C GLN E 77 -3.80 9.58 -11.20
N GLU E 78 -4.80 9.11 -11.91
CA GLU E 78 -6.17 9.10 -11.41
C GLU E 78 -6.28 7.98 -10.41
N MET E 79 -7.20 8.09 -9.45
CA MET E 79 -7.37 6.99 -8.50
C MET E 79 -8.01 5.76 -9.13
N ASP E 80 -7.67 4.58 -8.62
CA ASP E 80 -8.21 3.34 -9.14
C ASP E 80 -9.49 3.02 -8.37
N VAL E 81 -10.61 3.08 -9.06
CA VAL E 81 -11.88 2.88 -8.40
C VAL E 81 -12.62 1.68 -8.97
N THR E 82 -13.09 0.82 -8.07
CA THR E 82 -13.82 -0.38 -8.44
C THR E 82 -15.08 -0.05 -9.23
N GLY E 83 -15.23 -0.69 -10.39
CA GLY E 83 -16.30 -0.33 -11.30
C GLY E 83 -16.05 0.96 -12.10
N GLY E 84 -14.94 1.64 -11.83
CA GLY E 84 -14.62 2.89 -12.52
C GLY E 84 -14.36 2.72 -14.01
N LEU E 85 -14.52 3.80 -14.76
CA LEU E 85 -14.22 3.81 -16.20
C LEU E 85 -12.73 3.51 -16.44
N LYS E 86 -12.46 2.50 -17.25
CA LYS E 86 -11.09 2.10 -17.59
C LYS E 86 -10.51 2.98 -18.70
N LYS E 87 -9.18 2.99 -18.82
CA LYS E 87 -8.50 3.67 -19.91
C LYS E 87 -9.01 5.10 -20.13
N CYS E 88 -9.10 5.86 -19.04
CA CYS E 88 -9.73 7.18 -19.08
C CYS E 88 -8.74 8.34 -18.90
N ILE E 89 -8.84 9.37 -19.74
CA ILE E 89 -7.99 10.54 -19.65
C ILE E 89 -8.87 11.73 -19.31
C CIR E 90 -8.41 14.94 -17.95
O CIR E 90 -7.16 14.92 -17.85
CA CIR E 90 -9.22 13.68 -17.88
N CIR E 90 -8.47 12.49 -18.30
C3 CIR E 90 -9.70 13.45 -16.49
C4 CIR E 90 -10.84 12.51 -16.34
C5 CIR E 90 -11.16 12.03 -14.97
N6 CIR E 90 -12.31 11.18 -14.80
C7 CIR E 90 -12.19 9.78 -14.57
O7 CIR E 90 -11.10 9.23 -14.50
N8 CIR E 90 -13.38 9.00 -14.41
N VAL E 91 -9.12 16.05 -18.12
CA VAL E 91 -8.51 17.37 -18.22
C VAL E 91 -9.17 18.31 -17.22
N MET E 92 -8.37 19.12 -16.53
CA MET E 92 -8.89 20.29 -15.82
C MET E 92 -8.11 21.47 -16.37
N MET E 93 -8.78 22.24 -17.21
CA MET E 93 -8.16 23.40 -17.85
C MET E 93 -8.66 24.65 -17.14
N THR E 94 -7.74 25.40 -16.54
CA THR E 94 -8.05 26.54 -15.69
C THR E 94 -7.89 27.80 -16.55
N VAL E 95 -8.97 28.58 -16.72
CA VAL E 95 -8.94 29.71 -17.66
C VAL E 95 -9.51 30.98 -17.03
N GLN E 96 -9.00 32.13 -17.44
CA GLN E 96 -9.58 33.40 -17.04
C GLN E 96 -10.77 33.65 -17.95
N THR E 97 -11.94 33.90 -17.34
CA THR E 97 -13.18 34.08 -18.07
C THR E 97 -14.30 34.71 -17.24
N ASP E 98 -15.15 35.46 -17.96
CA ASP E 98 -16.34 36.14 -17.46
C ASP E 98 -17.58 35.26 -17.55
N VAL E 99 -17.46 34.12 -18.23
CA VAL E 99 -18.61 33.24 -18.42
C VAL E 99 -19.09 32.67 -17.09
N PRO E 100 -20.40 32.77 -16.82
CA PRO E 100 -20.92 32.25 -15.55
C PRO E 100 -20.69 30.76 -15.43
N GLN E 101 -20.35 30.32 -14.22
CA GLN E 101 -20.06 28.92 -13.92
C GLN E 101 -20.99 27.92 -14.59
N GLU E 102 -22.28 28.21 -14.54
CA GLU E 102 -23.27 27.30 -15.13
C GLU E 102 -23.26 27.30 -16.66
N GLN E 103 -22.54 28.24 -17.26
CA GLN E 103 -22.48 28.33 -18.72
C GLN E 103 -21.18 27.77 -19.32
N ILE E 104 -20.21 27.49 -18.46
CA ILE E 104 -18.95 26.90 -18.92
C ILE E 104 -19.27 25.60 -19.62
N ARG E 105 -18.58 25.30 -20.72
CA ARG E 105 -18.91 24.11 -21.49
C ARG E 105 -17.90 22.99 -21.26
N HIS E 106 -18.28 22.04 -20.42
CA HIS E 106 -17.41 20.89 -20.12
C HIS E 106 -17.67 19.83 -21.19
N VAL E 107 -16.64 19.04 -21.50
CA VAL E 107 -16.67 18.17 -22.66
C VAL E 107 -16.40 16.71 -22.29
N TYR E 108 -17.27 15.81 -22.74
CA TYR E 108 -17.10 14.38 -22.52
C TYR E 108 -17.21 13.62 -23.84
N LEU E 109 -16.14 12.94 -24.22
CA LEU E 109 -16.06 12.25 -25.50
C LEU E 109 -15.82 10.75 -25.33
N GLU E 110 -16.01 10.00 -26.41
CA GLU E 110 -15.84 8.55 -26.41
C GLU E 110 -16.68 7.89 -25.32
N LYS E 111 -16.09 6.95 -24.60
CA LYS E 111 -16.83 6.23 -23.55
C LYS E 111 -17.04 7.07 -22.29
N ALA E 112 -16.43 8.25 -22.26
CA ALA E 112 -16.54 9.12 -21.09
C ALA E 112 -17.84 9.91 -21.07
N VAL E 113 -18.67 9.72 -22.09
CA VAL E 113 -19.97 10.37 -22.10
C VAL E 113 -20.82 9.91 -20.91
N VAL E 114 -20.52 8.73 -20.35
CA VAL E 114 -21.26 8.23 -19.20
C VAL E 114 -20.99 9.04 -17.94
N LEU E 115 -19.94 9.85 -17.98
CA LEU E 115 -19.61 10.70 -16.83
C LEU E 115 -20.43 12.00 -16.82
N ARG E 116 -20.95 12.40 -17.99
CA ARG E 116 -21.77 13.61 -18.12
C ARG E 116 -22.90 13.66 -17.10
N PRO E 117 -23.23 14.87 -16.63
CA PRO E 117 -24.35 15.05 -15.70
C PRO E 117 -25.69 14.96 -16.44
N MET F 1 -3.43 40.43 -11.01
CA MET F 1 -4.80 39.94 -11.01
C MET F 1 -4.92 38.66 -11.82
N MET F 2 -4.28 38.63 -12.99
CA MET F 2 -4.22 37.40 -13.77
C MET F 2 -3.35 36.38 -13.04
N ILE F 3 -3.71 35.12 -13.20
CA ILE F 3 -3.07 34.04 -12.47
C ILE F 3 -2.33 33.16 -13.48
N ARG F 4 -1.14 32.69 -13.11
CA ARG F 4 -0.37 31.79 -14.00
C ARG F 4 0.37 30.67 -13.26
N GLY F 5 0.41 29.49 -13.87
CA GLY F 5 1.15 28.38 -13.33
C GLY F 5 2.61 28.44 -13.73
N ILE F 6 3.49 28.15 -12.79
CA ILE F 6 4.92 28.02 -13.03
C ILE F 6 5.33 26.56 -12.79
N ARG F 7 6.03 25.99 -13.77
CA ARG F 7 6.42 24.59 -13.72
C ARG F 7 7.84 24.44 -13.22
N GLY F 8 8.07 23.41 -12.42
CA GLY F 8 9.41 23.03 -12.03
C GLY F 8 9.57 21.52 -12.10
N ALA F 9 10.78 21.07 -12.39
CA ALA F 9 11.09 19.64 -12.35
C ALA F 9 12.52 19.40 -11.87
N THR F 10 12.71 18.34 -11.10
CA THR F 10 14.04 17.95 -10.67
C THR F 10 14.07 16.43 -10.42
N THR F 11 15.25 15.89 -10.08
CA THR F 11 15.38 14.47 -9.78
C THR F 11 16.21 14.24 -8.52
N VAL F 12 16.06 13.06 -7.92
CA VAL F 12 16.84 12.65 -6.76
C VAL F 12 17.65 11.40 -7.12
N GLU F 13 18.78 11.20 -6.46
CA GLU F 13 19.60 10.03 -6.74
C GLU F 13 19.06 8.83 -5.99
N ARG F 14 18.56 9.07 -4.78
CA ARG F 14 18.06 8.01 -3.91
C ARG F 14 16.77 8.45 -3.22
N ASP F 15 15.95 7.47 -2.85
CA ASP F 15 14.69 7.73 -2.16
C ASP F 15 14.89 7.75 -0.65
N THR F 16 15.37 8.89 -0.14
CA THR F 16 15.53 9.14 1.29
C THR F 16 14.98 10.51 1.55
N GLU F 17 14.48 10.74 2.77
CA GLU F 17 13.87 12.03 3.09
C GLU F 17 14.87 13.17 2.93
N GLU F 18 16.12 12.90 3.30
CA GLU F 18 17.18 13.91 3.21
C GLU F 18 17.37 14.49 1.80
N GLU F 19 17.45 13.62 0.79
CA GLU F 19 17.67 14.09 -0.57
C GLU F 19 16.38 14.64 -1.23
N ILE F 20 15.24 14.01 -0.97
CA ILE F 20 13.98 14.56 -1.49
C ILE F 20 13.76 15.99 -1.02
N LEU F 21 13.98 16.24 0.28
CA LEU F 21 13.76 17.56 0.84
C LEU F 21 14.79 18.56 0.30
N GLN F 22 16.03 18.11 0.19
CA GLN F 22 17.09 18.99 -0.30
C GLN F 22 16.87 19.39 -1.76
N LYS F 23 16.59 18.42 -2.62
CA LYS F 23 16.37 18.70 -4.04
C LYS F 23 15.10 19.52 -4.28
N THR F 24 14.05 19.24 -3.52
CA THR F 24 12.80 19.99 -3.65
C THR F 24 12.99 21.45 -3.22
N LYS F 25 13.68 21.65 -2.10
CA LYS F 25 13.95 23.00 -1.60
C LYS F 25 14.74 23.78 -2.64
N GLN F 26 15.73 23.12 -3.22
CA GLN F 26 16.55 23.77 -4.23
C GLN F 26 15.74 24.12 -5.46
N LEU F 27 14.79 23.27 -5.83
CA LEU F 27 13.94 23.54 -6.98
C LEU F 27 13.02 24.73 -6.71
N LEU F 28 12.44 24.79 -5.51
CA LEU F 28 11.58 25.94 -5.14
C LEU F 28 12.38 27.24 -5.11
N GLU F 29 13.55 27.21 -4.47
CA GLU F 29 14.40 28.40 -4.36
C GLU F 29 14.79 28.97 -5.72
N LYS F 30 14.95 28.11 -6.72
CA LYS F 30 15.29 28.55 -8.06
C LYS F 30 14.08 29.19 -8.75
N ILE F 31 12.93 28.52 -8.65
CA ILE F 31 11.69 29.06 -9.18
C ILE F 31 11.47 30.45 -8.59
N ILE F 32 11.62 30.55 -7.28
CA ILE F 32 11.50 31.83 -6.57
C ILE F 32 12.52 32.87 -7.06
N GLU F 33 13.76 32.45 -7.23
CA GLU F 33 14.81 33.33 -7.78
C GLU F 33 14.44 33.88 -9.14
N GLU F 34 14.20 32.97 -10.08
CA GLU F 34 13.95 33.34 -11.48
C GLU F 34 12.68 34.15 -11.66
N ASN F 35 11.69 33.93 -10.81
CA ASN F 35 10.37 34.55 -10.98
C ASN F 35 10.02 35.64 -9.97
N HIS F 36 10.94 35.91 -9.04
CA HIS F 36 10.75 36.92 -7.99
C HIS F 36 9.45 36.73 -7.20
N THR F 37 9.10 35.48 -6.97
CA THR F 37 7.83 35.13 -6.34
C THR F 37 7.82 35.43 -4.83
N LYS F 38 6.80 36.15 -4.40
CA LYS F 38 6.53 36.38 -2.98
C LYS F 38 5.44 35.39 -2.55
N PRO F 39 5.56 34.82 -1.33
CA PRO F 39 4.63 33.77 -0.90
C PRO F 39 3.17 34.20 -0.89
N GLU F 40 2.89 35.46 -0.55
CA GLU F 40 1.51 35.94 -0.49
C GLU F 40 0.83 35.95 -1.87
N ASP F 41 1.63 35.89 -2.93
CA ASP F 41 1.08 35.91 -4.28
C ASP F 41 0.80 34.50 -4.79
N VAL F 42 1.14 33.49 -3.99
CA VAL F 42 0.96 32.12 -4.42
C VAL F 42 -0.44 31.64 -4.07
N VAL F 43 -1.23 31.34 -5.09
CA VAL F 43 -2.57 30.80 -4.91
C VAL F 43 -2.50 29.44 -4.18
N GLN F 44 -1.71 28.53 -4.75
CA GLN F 44 -1.54 27.18 -4.22
C GLN F 44 -0.39 26.54 -4.98
N MET F 45 0.05 25.37 -4.53
CA MET F 45 1.08 24.61 -5.25
C MET F 45 0.69 23.15 -5.28
N LEU F 46 1.06 22.48 -6.37
CA LEU F 46 0.89 21.05 -6.46
C LEU F 46 2.24 20.43 -6.70
N LEU F 47 2.65 19.50 -5.85
CA LEU F 47 3.89 18.78 -6.06
C LEU F 47 3.58 17.33 -6.43
N SER F 48 4.40 16.74 -7.29
CA SER F 48 4.16 15.36 -7.67
C SER F 48 5.47 14.59 -7.65
N ALA F 49 5.36 13.27 -7.53
CA ALA F 49 6.54 12.40 -7.55
C ALA F 49 6.20 11.13 -8.32
N THR F 50 7.18 10.61 -9.04
CA THR F 50 7.03 9.32 -9.69
C THR F 50 6.84 8.22 -8.63
N PRO F 51 6.22 7.10 -9.02
CA PRO F 51 5.88 6.08 -8.03
C PRO F 51 7.07 5.29 -7.46
N ASP F 52 8.30 5.72 -7.77
CA ASP F 52 9.51 5.12 -7.21
C ASP F 52 10.07 5.91 -6.00
N LEU F 53 9.33 6.92 -5.57
CA LEU F 53 9.72 7.79 -4.46
C LEU F 53 8.68 7.72 -3.35
N HIS F 54 9.13 7.47 -2.12
CA HIS F 54 8.21 7.14 -1.03
C HIS F 54 8.61 7.70 0.34
N ALA F 55 9.86 8.18 0.46
CA ALA F 55 10.40 8.44 1.80
C ALA F 55 9.73 9.59 2.55
N VAL F 56 9.26 10.60 1.82
CA VAL F 56 8.66 11.78 2.46
C VAL F 56 7.83 12.58 1.45
N PHE F 57 6.86 13.34 1.92
CA PHE F 57 6.14 14.27 1.05
C PHE F 57 7.07 15.44 0.68
N PRO F 58 7.20 15.74 -0.62
CA PRO F 58 8.07 16.85 -1.05
C PRO F 58 7.61 18.17 -0.46
N ALA F 59 6.32 18.25 -0.15
CA ALA F 59 5.73 19.45 0.44
C ALA F 59 6.35 19.83 1.78
N LYS F 60 7.01 18.89 2.44
CA LYS F 60 7.63 19.17 3.73
C LYS F 60 8.79 20.17 3.55
N ALA F 61 9.33 20.23 2.34
CA ALA F 61 10.39 21.18 2.04
C ALA F 61 9.88 22.63 2.04
N VAL F 62 8.59 22.81 1.73
CA VAL F 62 8.02 24.16 1.63
C VAL F 62 8.10 24.90 2.96
N ARG F 63 7.92 24.15 4.04
CA ARG F 63 7.94 24.76 5.36
C ARG F 63 9.36 25.01 5.87
N GLU F 64 10.35 24.68 5.05
CA GLU F 64 11.73 25.07 5.33
C GLU F 64 12.05 26.40 4.64
N LEU F 65 11.03 26.99 4.03
CA LEU F 65 11.15 28.28 3.37
C LEU F 65 10.45 29.35 4.20
N SER F 66 11.22 30.28 4.76
CA SER F 66 10.67 31.35 5.58
C SER F 66 9.65 32.20 4.83
N GLY F 67 8.51 32.43 5.47
CA GLY F 67 7.43 33.20 4.87
C GLY F 67 6.39 32.38 4.14
N TRP F 68 6.67 31.10 3.92
CA TRP F 68 5.82 30.24 3.10
C TRP F 68 4.89 29.30 3.88
N GLN F 69 4.83 29.50 5.19
CA GLN F 69 4.08 28.56 6.04
C GLN F 69 2.59 28.53 5.74
N TYR F 70 2.07 29.56 5.08
CA TYR F 70 0.63 29.65 4.83
C TYR F 70 0.27 29.32 3.39
N VAL F 71 1.28 28.97 2.59
CA VAL F 71 1.06 28.62 1.20
C VAL F 71 0.46 27.23 1.14
N PRO F 72 -0.73 27.10 0.54
CA PRO F 72 -1.36 25.78 0.52
C PRO F 72 -0.74 24.88 -0.52
N VAL F 73 -0.56 23.61 -0.14
CA VAL F 73 0.15 22.71 -1.02
C VAL F 73 -0.41 21.30 -0.84
N THR F 74 -0.49 20.57 -1.93
CA THR F 74 -0.81 19.16 -1.81
C THR F 74 0.05 18.36 -2.77
N CYS F 75 0.15 17.06 -2.52
CA CYS F 75 1.01 16.22 -3.33
C CYS F 75 0.19 15.19 -4.08
N MET F 76 0.76 14.65 -5.15
CA MET F 76 0.06 13.66 -5.94
C MET F 76 1.07 12.74 -6.59
N GLN F 77 0.62 11.56 -6.99
CA GLN F 77 1.48 10.64 -7.71
C GLN F 77 1.54 11.00 -9.17
N GLU F 78 2.75 11.14 -9.70
CA GLU F 78 2.87 11.36 -11.13
C GLU F 78 2.41 10.10 -11.86
N MET F 79 1.92 10.29 -13.08
CA MET F 79 1.59 9.20 -13.97
C MET F 79 2.82 8.30 -14.17
N ASP F 80 2.62 6.99 -14.16
CA ASP F 80 3.71 6.03 -14.41
C ASP F 80 3.82 5.78 -15.91
N VAL F 81 4.79 6.40 -16.55
CA VAL F 81 4.97 6.27 -18.00
C VAL F 81 6.16 5.37 -18.32
N THR F 82 5.93 4.43 -19.23
CA THR F 82 6.94 3.48 -19.69
C THR F 82 8.15 4.21 -20.28
N GLY F 83 9.30 4.04 -19.65
CA GLY F 83 10.51 4.71 -20.11
C GLY F 83 10.52 6.19 -19.79
N GLY F 84 9.59 6.62 -18.94
CA GLY F 84 9.58 7.99 -18.46
C GLY F 84 10.77 8.23 -17.54
N LEU F 85 11.00 9.49 -17.19
CA LEU F 85 12.12 9.83 -16.32
C LEU F 85 11.85 9.31 -14.90
N LYS F 86 12.86 8.66 -14.33
CA LYS F 86 12.77 8.07 -12.99
C LYS F 86 13.09 9.08 -11.90
N LYS F 87 12.64 8.78 -10.68
CA LYS F 87 12.92 9.55 -9.48
C LYS F 87 12.77 11.06 -9.69
N CYS F 88 11.61 11.46 -10.17
CA CYS F 88 11.37 12.84 -10.60
C CYS F 88 10.31 13.52 -9.74
N ILE F 89 10.61 14.74 -9.33
CA ILE F 89 9.66 15.53 -8.55
C ILE F 89 9.27 16.74 -9.39
C CIR F 90 6.75 19.08 -9.43
O CIR F 90 6.18 18.67 -8.39
CA CIR F 90 7.55 18.15 -10.28
N CIR F 90 7.98 17.02 -9.50
C3 CIR F 90 6.74 17.69 -11.44
C4 CIR F 90 7.32 16.71 -12.39
C5 CIR F 90 6.52 16.43 -13.62
N6 CIR F 90 7.01 15.49 -14.58
C7 CIR F 90 7.31 15.91 -15.92
O7 CIR F 90 7.72 15.11 -16.74
N8 CIR F 90 7.14 17.28 -16.30
N VAL F 91 6.71 20.34 -9.86
CA VAL F 91 5.94 21.38 -9.18
C VAL F 91 5.03 22.09 -10.18
N MET F 92 3.77 22.35 -9.79
CA MET F 92 2.98 23.36 -10.47
C MET F 92 2.68 24.41 -9.40
N MET F 93 3.31 25.57 -9.52
CA MET F 93 3.10 26.67 -8.59
C MET F 93 2.22 27.74 -9.24
N THR F 94 1.04 27.95 -8.65
CA THR F 94 0.05 28.85 -9.25
C THR F 94 0.14 30.21 -8.59
N VAL F 95 0.45 31.24 -9.37
CA VAL F 95 0.77 32.54 -8.80
C VAL F 95 0.01 33.71 -9.43
N GLN F 96 -0.22 34.75 -8.66
CA GLN F 96 -0.66 36.02 -9.20
C GLN F 96 0.57 36.75 -9.74
N THR F 97 0.53 37.09 -11.03
CA THR F 97 1.70 37.67 -11.67
C THR F 97 1.30 38.49 -12.90
N ASP F 98 2.12 39.49 -13.21
CA ASP F 98 1.87 40.32 -14.38
C ASP F 98 2.88 40.05 -15.47
N VAL F 99 3.67 39.01 -15.27
CA VAL F 99 4.57 38.54 -16.31
C VAL F 99 3.76 37.77 -17.35
N PRO F 100 3.95 38.09 -18.63
CA PRO F 100 3.26 37.39 -19.71
C PRO F 100 3.66 35.92 -19.76
N GLN F 101 2.76 35.11 -20.32
CA GLN F 101 2.91 33.65 -20.34
C GLN F 101 4.23 33.19 -20.94
N GLU F 102 4.70 33.93 -21.96
CA GLU F 102 5.92 33.57 -22.68
C GLU F 102 7.19 33.88 -21.89
N GLN F 103 7.06 34.71 -20.86
CA GLN F 103 8.22 35.13 -20.08
C GLN F 103 8.30 34.51 -18.69
N ILE F 104 7.32 33.70 -18.34
CA ILE F 104 7.37 32.95 -17.09
C ILE F 104 8.58 32.02 -17.16
N ARG F 105 9.38 31.99 -16.09
CA ARG F 105 10.59 31.18 -16.09
C ARG F 105 10.37 29.84 -15.39
N HIS F 106 10.01 28.83 -16.18
CA HIS F 106 9.89 27.47 -15.68
C HIS F 106 11.27 26.85 -15.48
N VAL F 107 11.40 26.02 -14.46
CA VAL F 107 12.71 25.55 -14.02
C VAL F 107 12.88 24.03 -14.13
N TYR F 108 13.99 23.61 -14.74
CA TYR F 108 14.31 22.19 -14.88
C TYR F 108 15.73 21.91 -14.40
N LEU F 109 15.86 21.07 -13.37
CA LEU F 109 17.16 20.85 -12.73
C LEU F 109 17.59 19.38 -12.68
N GLU F 110 18.88 19.18 -12.44
CA GLU F 110 19.46 17.84 -12.34
C GLU F 110 19.16 17.05 -13.61
N LYS F 111 18.68 15.82 -13.44
CA LYS F 111 18.43 14.97 -14.59
C LYS F 111 17.13 15.32 -15.33
N ALA F 112 16.39 16.29 -14.78
CA ALA F 112 15.15 16.74 -15.41
C ALA F 112 15.35 17.74 -16.54
N VAL F 113 16.61 18.07 -16.86
CA VAL F 113 16.87 19.02 -17.94
C VAL F 113 16.35 18.51 -19.28
N VAL F 114 16.23 17.19 -19.40
CA VAL F 114 15.74 16.55 -20.62
C VAL F 114 14.27 16.90 -20.89
N LEU F 115 13.57 17.37 -19.87
CA LEU F 115 12.17 17.79 -20.02
C LEU F 115 12.05 19.19 -20.62
N ARG F 116 13.14 19.96 -20.57
CA ARG F 116 13.14 21.33 -21.07
C ARG F 116 12.97 21.37 -22.59
N PRO F 117 11.95 22.09 -23.07
CA PRO F 117 11.64 22.22 -24.50
C PRO F 117 12.79 22.87 -25.28
C1 TSA G . 5.99 -13.28 21.87
C2 TSA G . 6.19 -14.38 20.85
C3 TSA G . 6.35 -14.12 19.56
C4 TSA G . 6.36 -12.70 18.99
O5 TSA G . 5.32 -12.57 18.03
C5 TSA G . 6.14 -11.63 20.06
C6 TSA G . 5.25 -12.15 21.19
O7 TSA G . 7.39 -11.13 20.57
C8 TSA G . 8.16 -11.96 21.47
C9 TSA G . 7.30 -12.75 22.45
C10 TSA G . 5.16 -13.83 23.01
O1 TSA G . 4.40 -13.07 23.64
O2 TSA G . 5.31 -15.04 23.30
C11 TSA G . 9.09 -12.91 20.76
O3 TSA G . 9.35 -14.00 21.33
O4 TSA G . 9.57 -12.61 19.64
C1 TSA H . 11.90 -13.29 -0.74
C2 TSA H . 11.47 -14.47 0.11
C3 TSA H . 10.21 -14.59 0.53
C4 TSA H . 9.10 -13.60 0.19
O5 TSA H . 8.52 -13.09 1.39
C5 TSA H . 9.60 -12.43 -0.66
C6 TSA H . 11.05 -12.10 -0.35
O7 TSA H . 9.44 -12.64 -2.08
C8 TSA H . 10.29 -13.59 -2.74
C9 TSA H . 11.73 -13.59 -2.24
C10 TSA H . 13.35 -12.97 -0.47
O1 TSA H . 13.78 -11.83 -0.74
O2 TSA H . 14.07 -13.87 0.01
C11 TSA H . 9.75 -15.00 -2.70
O3 TSA H . 8.53 -15.17 -2.45
O4 TSA H . 10.54 -15.93 -2.91
C1 TSA I . -16.06 12.63 -11.06
C2 TSA I . -15.16 13.84 -11.15
C3 TSA I . -13.88 13.74 -11.52
C4 TSA I . -13.23 12.42 -11.91
O5 TSA I . -12.10 12.17 -11.04
C5 TSA I . -14.21 11.24 -11.85
C6 TSA I . -15.22 11.41 -10.73
O7 TSA I . -14.86 11.01 -13.11
C8 TSA I . -15.93 11.88 -13.52
C9 TSA I . -16.81 12.38 -12.36
C10 TSA I . -17.07 12.87 -9.98
O1 TSA I . -17.48 11.90 -9.29
O2 TSA I . -17.48 14.05 -9.81
C11 TSA I . -15.43 13.06 -14.32
O3 TSA I . -16.04 14.16 -14.23
O4 TSA I . -14.41 12.90 -15.03
C1 TSA J . 1.58 18.20 3.40
C2 TSA J . 0.73 18.81 2.29
C3 TSA J . -0.05 18.05 1.53
C4 TSA J . -0.21 16.54 1.69
O5 TSA J . -0.01 15.86 0.45
C5 TSA J . 0.73 15.98 2.78
C6 TSA J . 1.99 16.82 2.93
O7 TSA J . 0.05 15.86 4.04
C8 TSA J . -0.26 17.05 4.80
C9 TSA J . 0.84 18.12 4.74
C10 TSA J . 2.78 19.07 3.65
O1 TSA J . 3.82 18.54 4.11
O2 TSA J . 2.67 20.29 3.40
C11 TSA J . -1.56 17.68 4.39
O3 TSA J . -2.45 16.97 3.86
O4 TSA J . -1.71 18.90 4.59
#